data_4LRI
#
_entry.id   4LRI
#
_cell.length_a   73.619
_cell.length_b   101.649
_cell.length_c   113.794
_cell.angle_alpha   90.00
_cell.angle_beta   90.00
_cell.angle_gamma   90.00
#
_symmetry.space_group_name_H-M   'P 21 21 21'
#
loop_
_entity.id
_entity.type
_entity.pdbx_description
1 polymer 'MSL-109 Light Chain'
2 polymer 'MSL-109 Heavy Chain'
3 water water
#
loop_
_entity_poly.entity_id
_entity_poly.type
_entity_poly.pdbx_seq_one_letter_code
_entity_poly.pdbx_strand_id
1 'polypeptide(L)'
;DIVMTQSPLSLSVTPGEPASISCRSSQSLLHTNGYNYLDWYVQKPGQSPQLLIYLASNRASGVPDRFSGSGSGTDFTLKI
SRVETEDVGVYYCMQALQIPRTFGQGTKVEIKRTVAAPSVFIFPPSDEQLKSGTASVVCLLNNFYPREAKVQWKVDNALQ
SGNSQESVTEQDSKDSTYSLSSTLTLSKADYEKHKVYACEVTHQGLSSPVTKSFNRGEC
;
A,B
2 'polypeptide(L)'
;EEQVLESGGGLVKPGGSLRLSCAASGFTFSPYSVFWVRQAPGKGLEWVSSINSDSTYKYYADSVKGRFTISRDNAENSIF
LQMNSLRAEDTAVYYCARDRSYYAFSSGSLSDYYYGLDVWGQGTLVTVSSASTKGPSVFPLAPSSKSTSGGTAALGCLVK
DYFPEPVTVSWNSGALTSGVHTFPAVLQSSGLYSLSSVVTVPSSSLGTQTYICNVNHKPSNTKVDKKVEPKSC
;
P,C
#
# COMPACT_ATOMS: atom_id res chain seq x y z
N ASP A 1 9.60 43.43 -6.36
CA ASP A 1 8.52 42.49 -6.61
C ASP A 1 8.06 41.89 -5.29
N ILE A 2 7.07 41.01 -5.34
CA ILE A 2 6.63 40.35 -4.11
C ILE A 2 7.16 38.92 -4.11
N VAL A 3 7.87 38.55 -3.05
CA VAL A 3 8.38 37.18 -2.93
C VAL A 3 7.48 36.36 -2.02
N MET A 4 7.12 35.16 -2.48
CA MET A 4 6.25 34.25 -1.73
C MET A 4 7.06 33.08 -1.21
N THR A 5 6.82 32.68 0.04
CA THR A 5 7.54 31.58 0.67
C THR A 5 6.58 30.60 1.35
N GLN A 6 6.74 29.32 1.05
CA GLN A 6 5.87 28.30 1.63
C GLN A 6 6.59 27.46 2.66
N SER A 7 5.83 26.96 3.61
CA SER A 7 6.36 26.10 4.67
C SER A 7 5.29 25.12 5.14
N PRO A 8 5.65 23.84 5.26
CA PRO A 8 6.94 23.25 4.85
C PRO A 8 7.03 23.03 3.35
N LEU A 9 8.19 22.59 2.87
CA LEU A 9 8.35 22.31 1.45
C LEU A 9 7.90 20.90 1.08
N SER A 10 7.71 20.07 2.11
CA SER A 10 7.26 18.70 1.91
C SER A 10 6.42 18.29 3.11
N LEU A 11 5.33 17.57 2.84
CA LEU A 11 4.46 17.01 3.88
C LEU A 11 4.22 15.54 3.60
N SER A 12 4.08 14.76 4.68
CA SER A 12 3.70 13.37 4.56
C SER A 12 2.55 13.14 5.54
N VAL A 13 1.39 12.78 4.99
CA VAL A 13 0.15 12.75 5.77
C VAL A 13 -0.61 11.45 5.58
N THR A 14 -1.11 10.89 6.67
CA THR A 14 -1.94 9.69 6.61
C THR A 14 -3.33 10.05 6.13
N PRO A 15 -3.91 9.25 5.20
CA PRO A 15 -5.28 9.51 4.76
C PRO A 15 -6.22 9.64 5.94
N GLY A 16 -7.12 10.62 5.87
CA GLY A 16 -8.03 10.92 6.97
C GLY A 16 -7.52 11.98 7.93
N GLU A 17 -6.22 12.24 7.91
CA GLU A 17 -5.64 13.24 8.80
C GLU A 17 -5.59 14.59 8.10
N PRO A 18 -5.54 15.67 8.88
CA PRO A 18 -5.48 17.00 8.28
C PRO A 18 -4.06 17.34 7.82
N ALA A 19 -3.98 18.26 6.87
CA ALA A 19 -2.70 18.76 6.40
C ALA A 19 -2.80 20.26 6.36
N SER A 20 -1.71 20.96 6.65
CA SER A 20 -1.70 22.42 6.57
C SER A 20 -0.46 22.90 5.87
N ILE A 21 -0.61 23.87 4.98
CA ILE A 21 0.54 24.48 4.30
C ILE A 21 0.49 25.99 4.53
N SER A 22 1.63 26.56 4.94
CA SER A 22 1.66 28.00 5.17
C SER A 22 2.30 28.72 4.00
N CYS A 23 1.88 29.96 3.78
CA CYS A 23 2.42 30.80 2.73
C CYS A 23 2.70 32.16 3.36
N ARG A 24 3.87 32.73 3.09
CA ARG A 24 4.20 34.04 3.61
C ARG A 24 4.57 34.98 2.46
N SER A 25 4.12 36.23 2.50
CA SER A 25 4.53 37.17 1.46
C SER A 25 5.52 38.18 2.00
N SER A 26 6.29 38.80 1.10
CA SER A 26 7.30 39.77 1.51
C SER A 26 6.69 41.16 1.73
N GLN A 27 5.44 41.31 1.34
CA GLN A 27 4.67 42.50 1.71
C GLN A 27 3.19 42.16 1.73
N SER A 28 2.39 43.01 2.37
CA SER A 28 0.98 42.71 2.56
C SER A 28 0.19 42.52 1.26
N LEU A 29 -0.69 41.53 1.26
CA LEU A 29 -1.53 41.28 0.08
C LEU A 29 -2.94 41.82 0.29
N LEU A 30 -3.15 42.51 1.40
CA LEU A 30 -4.45 43.12 1.68
C LEU A 30 -4.63 44.42 0.91
N HIS A 31 -5.60 44.44 -0.02
CA HIS A 31 -5.91 45.63 -0.81
C HIS A 31 -6.92 46.50 -0.06
N THR A 32 -7.05 47.75 -0.50
CA THR A 32 -7.94 48.70 0.19
C THR A 32 -9.41 48.34 0.02
N ASN A 33 -9.73 47.48 -0.93
CA ASN A 33 -11.11 47.03 -1.07
C ASN A 33 -11.52 46.00 -0.01
N GLY A 34 -10.55 45.57 0.80
CA GLY A 34 -10.83 44.65 1.89
C GLY A 34 -10.45 43.21 1.63
N TYR A 35 -9.99 42.92 0.42
CA TYR A 35 -9.68 41.53 0.06
C TYR A 35 -8.19 41.29 0.02
N ASN A 36 -7.81 40.05 0.32
CA ASN A 36 -6.43 39.59 0.24
C ASN A 36 -6.18 38.82 -1.04
N TYR A 37 -5.22 39.28 -1.83
CA TYR A 37 -5.03 38.75 -3.17
C TYR A 37 -4.04 37.60 -3.19
N LEU A 38 -4.50 36.46 -2.68
CA LEU A 38 -3.68 35.27 -2.57
C LEU A 38 -4.47 34.07 -3.08
N ASP A 39 -3.90 33.32 -4.03
CA ASP A 39 -4.55 32.11 -4.54
C ASP A 39 -3.75 30.88 -4.13
N TRP A 40 -4.41 29.74 -4.10
CA TRP A 40 -3.71 28.44 -4.01
C TRP A 40 -4.04 27.58 -5.23
N TYR A 41 -3.01 26.92 -5.78
CA TYR A 41 -3.11 26.03 -6.96
C TYR A 41 -2.55 24.66 -6.61
N VAL A 42 -3.03 23.61 -7.28
CA VAL A 42 -2.37 22.32 -7.13
C VAL A 42 -1.98 21.79 -8.49
N GLN A 43 -0.79 21.19 -8.56
CA GLN A 43 -0.37 20.51 -9.76
C GLN A 43 -0.16 19.05 -9.47
N LYS A 44 -0.95 18.21 -10.12
CA LYS A 44 -0.85 16.78 -9.93
C LYS A 44 -0.13 16.18 -11.13
N PRO A 45 0.59 15.07 -10.88
CA PRO A 45 1.32 14.32 -11.92
C PRO A 45 0.52 14.20 -13.21
N GLY A 46 1.06 14.79 -14.27
CA GLY A 46 0.46 14.72 -15.58
C GLY A 46 -0.92 15.33 -15.76
N GLN A 47 -1.25 16.37 -15.00
CA GLN A 47 -2.55 17.02 -15.11
C GLN A 47 -2.42 18.53 -15.26
N SER A 48 -3.50 19.18 -15.73
CA SER A 48 -3.55 20.63 -15.76
C SER A 48 -3.61 21.15 -14.31
N PRO A 49 -2.79 22.17 -13.97
CA PRO A 49 -2.86 22.83 -12.66
C PRO A 49 -4.27 23.30 -12.39
N GLN A 50 -4.66 23.28 -11.11
CA GLN A 50 -6.04 23.52 -10.74
C GLN A 50 -6.09 24.62 -9.69
N LEU A 51 -6.99 25.58 -9.89
CA LEU A 51 -7.28 26.57 -8.87
C LEU A 51 -8.06 25.97 -7.70
N LEU A 52 -7.54 26.14 -6.49
CA LEU A 52 -8.21 25.64 -5.30
C LEU A 52 -8.93 26.75 -4.52
N ILE A 53 -8.18 27.83 -4.25
CA ILE A 53 -8.65 28.92 -3.39
C ILE A 53 -8.31 30.23 -4.08
N TYR A 54 -9.24 31.18 -4.04
CA TYR A 54 -8.94 32.54 -4.51
C TYR A 54 -9.29 33.57 -3.45
N LEU A 55 -8.66 34.73 -3.52
CA LEU A 55 -8.89 35.80 -2.53
C LEU A 55 -8.76 35.26 -1.10
N ALA A 56 -7.73 34.44 -0.91
CA ALA A 56 -7.29 33.91 0.39
C ALA A 56 -8.19 32.84 1.00
N SER A 57 -9.50 33.02 0.92
CA SER A 57 -10.39 32.17 1.70
C SER A 57 -11.59 31.61 0.94
N ASN A 58 -11.64 31.83 -0.36
CA ASN A 58 -12.78 31.38 -1.16
C ASN A 58 -12.46 30.14 -1.95
N ARG A 59 -13.26 29.10 -1.75
CA ARG A 59 -13.05 27.87 -2.49
C ARG A 59 -13.61 27.98 -3.92
N ALA A 60 -12.81 27.65 -4.92
CA ALA A 60 -13.25 27.73 -6.30
C ALA A 60 -14.28 26.64 -6.57
N SER A 61 -15.20 26.89 -7.49
CA SER A 61 -16.18 25.88 -7.84
C SER A 61 -15.54 24.57 -8.34
N GLY A 62 -16.07 23.43 -7.88
CA GLY A 62 -15.56 22.14 -8.31
C GLY A 62 -14.52 21.54 -7.37
N VAL A 63 -14.03 22.38 -6.47
CA VAL A 63 -13.03 21.99 -5.49
C VAL A 63 -13.73 21.32 -4.30
N PRO A 64 -13.20 20.17 -3.85
CA PRO A 64 -13.82 19.47 -2.72
C PRO A 64 -13.87 20.30 -1.44
N ASP A 65 -14.89 20.09 -0.61
CA ASP A 65 -15.05 20.93 0.58
C ASP A 65 -14.02 20.67 1.69
N ARG A 66 -13.17 19.65 1.51
CA ARG A 66 -12.06 19.40 2.42
C ARG A 66 -11.02 20.51 2.35
N PHE A 67 -11.06 21.31 1.29
CA PHE A 67 -10.10 22.40 1.13
C PHE A 67 -10.62 23.72 1.67
N SER A 68 -9.80 24.41 2.43
CA SER A 68 -10.14 25.75 2.87
C SER A 68 -8.88 26.58 2.99
N GLY A 69 -9.05 27.89 2.96
CA GLY A 69 -7.90 28.76 3.06
C GLY A 69 -8.22 29.85 4.05
N SER A 70 -7.18 30.39 4.66
CA SER A 70 -7.39 31.49 5.58
C SER A 70 -6.15 32.36 5.64
N GLY A 71 -6.28 33.46 6.39
CA GLY A 71 -5.13 34.32 6.64
C GLY A 71 -5.36 35.71 6.09
N SER A 72 -4.44 36.61 6.38
CA SER A 72 -4.56 37.98 5.90
C SER A 72 -3.20 38.63 5.99
N GLY A 73 -2.99 39.68 5.19
CA GLY A 73 -1.77 40.46 5.26
C GLY A 73 -0.61 39.75 4.60
N THR A 74 0.28 39.18 5.41
CA THR A 74 1.42 38.46 4.86
C THR A 74 1.42 36.98 5.24
N ASP A 75 0.40 36.52 5.96
CA ASP A 75 0.44 35.13 6.44
C ASP A 75 -0.84 34.38 6.11
N PHE A 76 -0.69 33.29 5.36
CA PHE A 76 -1.83 32.55 4.83
C PHE A 76 -1.65 31.06 5.02
N THR A 77 -2.78 30.34 5.09
CA THR A 77 -2.74 28.90 5.29
C THR A 77 -3.75 28.19 4.39
N LEU A 78 -3.32 27.13 3.75
CA LEU A 78 -4.23 26.23 3.07
C LEU A 78 -4.39 25.02 3.97
N LYS A 79 -5.63 24.61 4.23
CA LYS A 79 -5.86 23.44 5.06
C LYS A 79 -6.64 22.39 4.29
N ILE A 80 -6.22 21.14 4.45
CA ILE A 80 -7.00 20.02 3.94
C ILE A 80 -7.50 19.30 5.19
N SER A 81 -8.81 19.25 5.38
CA SER A 81 -9.35 18.77 6.65
C SER A 81 -9.12 17.27 6.85
N ARG A 82 -9.28 16.50 5.78
CA ARG A 82 -9.10 15.05 5.81
C ARG A 82 -8.51 14.62 4.49
N VAL A 83 -7.21 14.32 4.49
CA VAL A 83 -6.52 14.01 3.26
C VAL A 83 -7.02 12.71 2.60
N GLU A 84 -7.07 12.70 1.28
CA GLU A 84 -7.40 11.50 0.51
C GLU A 84 -6.20 11.10 -0.32
N THR A 85 -6.17 9.85 -0.78
CA THR A 85 -5.00 9.34 -1.49
C THR A 85 -4.71 10.11 -2.77
N GLU A 86 -5.76 10.69 -3.38
CA GLU A 86 -5.59 11.39 -4.65
C GLU A 86 -5.03 12.80 -4.45
N ASP A 87 -4.82 13.19 -3.20
CA ASP A 87 -4.31 14.54 -2.91
C ASP A 87 -2.80 14.70 -3.13
N VAL A 88 -2.13 13.62 -3.52
CA VAL A 88 -0.72 13.71 -3.89
C VAL A 88 -0.55 14.76 -4.97
N GLY A 89 0.43 15.65 -4.78
CA GLY A 89 0.71 16.67 -5.76
C GLY A 89 1.57 17.76 -5.16
N VAL A 90 1.77 18.82 -5.92
CA VAL A 90 2.50 19.96 -5.44
C VAL A 90 1.57 21.17 -5.40
N TYR A 91 1.56 21.83 -4.25
CA TYR A 91 0.62 22.91 -3.96
C TYR A 91 1.40 24.21 -3.98
N TYR A 92 0.87 25.21 -4.68
CA TYR A 92 1.53 26.52 -4.80
C TYR A 92 0.61 27.64 -4.36
N CYS A 93 1.15 28.59 -3.62
CA CYS A 93 0.43 29.86 -3.47
C CYS A 93 0.91 30.84 -4.53
N MET A 94 0.05 31.80 -4.86
CA MET A 94 0.39 32.81 -5.86
C MET A 94 -0.24 34.11 -5.41
N GLN A 95 0.51 35.20 -5.44
CA GLN A 95 -0.13 36.50 -5.17
C GLN A 95 -0.65 37.09 -6.48
N ALA A 96 -1.80 37.77 -6.38
CA ALA A 96 -2.43 38.40 -7.54
C ALA A 96 -2.65 39.88 -7.30
N LEU A 97 -1.84 40.47 -6.44
CA LEU A 97 -1.94 41.88 -6.12
C LEU A 97 -1.20 42.72 -7.14
N GLN A 98 -0.05 42.23 -7.57
CA GLN A 98 0.83 42.97 -8.46
C GLN A 98 1.39 42.14 -9.60
N ILE A 99 1.86 42.84 -10.64
CA ILE A 99 2.68 42.27 -11.69
C ILE A 99 4.13 42.59 -11.31
N PRO A 100 5.04 41.61 -11.41
CA PRO A 100 4.82 40.24 -11.88
C PRO A 100 4.03 39.39 -10.91
N ARG A 101 3.18 38.50 -11.44
CA ARG A 101 2.59 37.47 -10.61
C ARG A 101 3.73 36.61 -10.10
N THR A 102 3.66 36.23 -8.83
CA THR A 102 4.71 35.41 -8.24
C THR A 102 4.15 34.26 -7.42
N PHE A 103 4.87 33.15 -7.46
CA PHE A 103 4.46 31.90 -6.84
C PHE A 103 5.41 31.51 -5.73
N GLY A 104 4.88 30.80 -4.75
CA GLY A 104 5.73 30.14 -3.76
C GLY A 104 6.50 28.99 -4.39
N GLN A 105 7.40 28.37 -3.62
CA GLN A 105 8.30 27.34 -4.14
C GLN A 105 7.58 26.06 -4.51
N GLY A 106 6.40 25.86 -3.92
CA GLY A 106 5.68 24.60 -4.05
C GLY A 106 5.92 23.72 -2.85
N THR A 107 4.86 23.07 -2.37
CA THR A 107 4.98 22.14 -1.25
C THR A 107 4.50 20.79 -1.76
N LYS A 108 5.36 19.77 -1.65
CA LYS A 108 4.98 18.45 -2.13
C LYS A 108 4.23 17.70 -1.04
N VAL A 109 3.06 17.19 -1.37
CA VAL A 109 2.29 16.40 -0.44
C VAL A 109 2.42 14.93 -0.81
N GLU A 110 2.89 14.15 0.17
CA GLU A 110 3.01 12.70 0.06
C GLU A 110 1.99 12.06 0.98
N ILE A 111 1.39 10.98 0.52
CA ILE A 111 0.49 10.20 1.35
C ILE A 111 1.28 9.16 2.12
N LYS A 112 1.12 9.15 3.44
CA LYS A 112 1.76 8.15 4.27
C LYS A 112 0.91 6.89 4.27
N ARG A 113 1.55 5.74 4.12
CA ARG A 113 0.83 4.48 4.22
C ARG A 113 1.70 3.49 4.97
N THR A 114 1.14 2.31 5.23
CA THR A 114 1.93 1.26 5.86
C THR A 114 3.08 0.82 4.96
N VAL A 115 4.18 0.42 5.58
CA VAL A 115 5.38 0.02 4.84
C VAL A 115 5.09 -1.14 3.91
N ALA A 116 5.58 -1.04 2.69
CA ALA A 116 5.39 -2.08 1.69
C ALA A 116 6.73 -2.36 1.03
N ALA A 117 7.21 -3.60 1.15
CA ALA A 117 8.50 -3.96 0.56
C ALA A 117 8.38 -4.08 -0.96
N PRO A 118 9.45 -3.73 -1.68
CA PRO A 118 9.40 -3.81 -3.14
C PRO A 118 9.45 -5.24 -3.64
N SER A 119 8.78 -5.48 -4.76
CA SER A 119 9.04 -6.68 -5.54
C SER A 119 10.21 -6.35 -6.45
N VAL A 120 11.20 -7.23 -6.49
CA VAL A 120 12.44 -6.95 -7.22
C VAL A 120 12.59 -7.84 -8.45
N PHE A 121 13.00 -7.25 -9.57
CA PHE A 121 13.24 -8.00 -10.80
C PHE A 121 14.51 -7.51 -11.46
N ILE A 122 15.27 -8.44 -12.06
CA ILE A 122 16.49 -8.07 -12.76
C ILE A 122 16.38 -8.49 -14.24
N PHE A 123 16.88 -7.62 -15.12
CA PHE A 123 16.80 -7.86 -16.56
C PHE A 123 18.20 -7.74 -17.18
N PRO A 124 18.68 -8.83 -17.80
CA PRO A 124 19.93 -8.76 -18.56
C PRO A 124 19.72 -7.93 -19.82
N PRO A 125 20.80 -7.44 -20.44
CA PRO A 125 20.63 -6.75 -21.72
C PRO A 125 20.16 -7.71 -22.79
N SER A 126 19.32 -7.21 -23.68
CA SER A 126 18.84 -8.00 -24.81
C SER A 126 19.99 -8.27 -25.78
N ASP A 127 19.90 -9.37 -26.53
CA ASP A 127 20.86 -9.67 -27.58
C ASP A 127 20.85 -8.52 -28.59
N GLU A 128 19.67 -7.99 -28.83
CA GLU A 128 19.48 -6.84 -29.70
C GLU A 128 20.32 -5.63 -29.26
N GLN A 129 20.32 -5.31 -27.96
CA GLN A 129 21.06 -4.13 -27.51
C GLN A 129 22.56 -4.32 -27.65
N LEU A 130 23.01 -5.54 -27.44
CA LEU A 130 24.45 -5.81 -27.49
C LEU A 130 25.06 -5.44 -28.84
N LYS A 131 24.23 -5.41 -29.88
CA LYS A 131 24.69 -4.99 -31.21
C LYS A 131 25.01 -3.49 -31.26
N SER A 132 24.47 -2.73 -30.32
CA SER A 132 24.72 -1.29 -30.26
C SER A 132 26.08 -0.97 -29.66
N GLY A 133 26.67 -1.97 -29.01
CA GLY A 133 27.99 -1.82 -28.40
C GLY A 133 27.92 -1.50 -26.92
N THR A 134 26.71 -1.27 -26.42
CA THR A 134 26.49 -0.97 -25.02
C THR A 134 25.60 -2.03 -24.40
N ALA A 135 25.73 -2.21 -23.09
CA ALA A 135 24.91 -3.15 -22.34
C ALA A 135 24.27 -2.44 -21.16
N SER A 136 22.95 -2.55 -21.06
CA SER A 136 22.22 -2.00 -19.91
C SER A 136 21.64 -3.15 -19.10
N VAL A 137 21.91 -3.14 -17.80
CA VAL A 137 21.29 -4.11 -16.91
C VAL A 137 20.31 -3.36 -16.03
N VAL A 138 19.07 -3.83 -15.98
CA VAL A 138 18.02 -3.08 -15.31
C VAL A 138 17.52 -3.84 -14.10
N CYS A 139 17.43 -3.14 -12.97
CA CYS A 139 16.85 -3.69 -11.75
C CYS A 139 15.60 -2.87 -11.47
N LEU A 140 14.48 -3.57 -11.28
CA LEU A 140 13.20 -2.93 -11.03
C LEU A 140 12.75 -3.21 -9.61
N LEU A 141 12.41 -2.17 -8.88
CA LEU A 141 11.76 -2.28 -7.57
C LEU A 141 10.32 -1.83 -7.72
N ASN A 142 9.38 -2.75 -7.55
CA ASN A 142 8.00 -2.42 -7.84
C ASN A 142 7.11 -2.25 -6.61
N ASN A 143 6.32 -1.18 -6.63
CA ASN A 143 5.22 -0.98 -5.68
C ASN A 143 5.60 -1.00 -4.20
N PHE A 144 6.43 -0.05 -3.79
CA PHE A 144 6.93 -0.02 -2.42
C PHE A 144 6.67 1.31 -1.71
N TYR A 145 6.80 1.29 -0.39
CA TYR A 145 6.69 2.49 0.42
C TYR A 145 7.48 2.22 1.70
N PRO A 146 8.30 3.19 2.15
CA PRO A 146 8.50 4.55 1.63
C PRO A 146 9.46 4.57 0.45
N ARG A 147 9.71 5.79 -0.02
CA ARG A 147 10.43 6.02 -1.26
C ARG A 147 11.90 5.66 -1.13
N GLU A 148 12.43 5.83 0.07
CA GLU A 148 13.85 5.62 0.31
C GLU A 148 14.23 4.16 0.11
N ALA A 149 15.25 3.92 -0.70
CA ALA A 149 15.73 2.57 -0.96
C ALA A 149 17.17 2.65 -1.39
N LYS A 150 17.94 1.61 -1.07
CA LYS A 150 19.31 1.50 -1.54
C LYS A 150 19.41 0.32 -2.51
N VAL A 151 19.95 0.58 -3.70
CA VAL A 151 20.19 -0.49 -4.68
C VAL A 151 21.68 -0.58 -4.96
N GLN A 152 22.26 -1.73 -4.68
CA GLN A 152 23.69 -1.93 -4.91
C GLN A 152 23.94 -2.96 -5.99
N TRP A 153 24.76 -2.58 -6.97
CA TRP A 153 25.11 -3.50 -8.06
C TRP A 153 26.41 -4.22 -7.76
N LYS A 154 26.43 -5.51 -8.03
CA LYS A 154 27.67 -6.28 -7.96
C LYS A 154 27.90 -7.07 -9.24
N VAL A 155 29.13 -7.06 -9.72
CA VAL A 155 29.49 -7.81 -10.91
C VAL A 155 30.64 -8.73 -10.55
N ASP A 156 30.38 -10.04 -10.60
CA ASP A 156 31.27 -11.05 -10.02
C ASP A 156 31.65 -10.67 -8.58
N ASN A 157 30.63 -10.30 -7.81
CA ASN A 157 30.77 -9.91 -6.41
C ASN A 157 31.62 -8.67 -6.14
N ALA A 158 31.90 -7.91 -7.20
CA ALA A 158 32.60 -6.65 -7.05
C ALA A 158 31.60 -5.50 -7.07
N LEU A 159 31.55 -4.73 -5.98
CA LEU A 159 30.64 -3.58 -5.89
C LEU A 159 30.89 -2.54 -6.99
N GLN A 160 29.81 -2.05 -7.58
CA GLN A 160 29.90 -1.08 -8.65
C GLN A 160 29.66 0.33 -8.15
N SER A 161 30.35 1.30 -8.74
CA SER A 161 30.12 2.70 -8.40
C SER A 161 30.25 3.61 -9.61
N GLY A 162 29.35 4.58 -9.72
CA GLY A 162 29.46 5.62 -10.73
C GLY A 162 28.94 5.23 -12.10
N ASN A 163 28.49 3.99 -12.25
CA ASN A 163 28.00 3.51 -13.52
C ASN A 163 26.52 3.09 -13.51
N SER A 164 25.77 3.61 -12.55
CA SER A 164 24.33 3.35 -12.52
C SER A 164 23.52 4.61 -12.29
N GLN A 165 22.29 4.61 -12.80
CA GLN A 165 21.37 5.72 -12.64
C GLN A 165 20.00 5.20 -12.18
N GLU A 166 19.30 5.98 -11.36
CA GLU A 166 17.98 5.60 -10.85
C GLU A 166 16.90 6.54 -11.34
N SER A 167 15.69 6.02 -11.47
CA SER A 167 14.54 6.85 -11.80
C SER A 167 13.40 6.33 -10.95
N VAL A 168 12.58 7.24 -10.41
CA VAL A 168 11.50 6.88 -9.50
C VAL A 168 10.21 7.47 -10.01
N THR A 169 9.13 6.71 -9.94
CA THR A 169 7.82 7.21 -10.34
C THR A 169 7.26 8.21 -9.32
N GLU A 170 6.27 8.97 -9.74
CA GLU A 170 5.48 9.74 -8.80
C GLU A 170 4.68 8.75 -7.98
N GLN A 171 4.30 9.16 -6.79
CA GLN A 171 3.51 8.31 -5.90
C GLN A 171 2.16 8.00 -6.53
N ASP A 172 1.78 6.73 -6.54
CA ASP A 172 0.48 6.31 -7.11
C ASP A 172 -0.71 6.90 -6.35
N SER A 173 -1.70 7.38 -7.08
CA SER A 173 -2.84 8.09 -6.47
C SER A 173 -3.84 7.16 -5.78
N LYS A 174 -3.73 5.86 -6.03
CA LYS A 174 -4.66 4.88 -5.42
C LYS A 174 -3.99 4.00 -4.36
N ASP A 175 -2.78 3.52 -4.64
CA ASP A 175 -2.11 2.64 -3.67
C ASP A 175 -0.97 3.31 -2.88
N SER A 176 -0.68 4.56 -3.23
CA SER A 176 0.30 5.37 -2.50
C SER A 176 1.71 4.77 -2.50
N THR A 177 2.01 3.99 -3.52
CA THR A 177 3.34 3.40 -3.62
C THR A 177 4.20 4.05 -4.69
N TYR A 178 5.48 3.69 -4.67
CA TYR A 178 6.47 4.11 -5.66
C TYR A 178 7.00 2.91 -6.40
N SER A 179 7.56 3.14 -7.58
CA SER A 179 8.37 2.13 -8.22
C SER A 179 9.68 2.79 -8.64
N LEU A 180 10.72 2.00 -8.80
CA LEU A 180 12.04 2.53 -9.07
C LEU A 180 12.81 1.62 -10.05
N SER A 181 13.53 2.25 -10.97
CA SER A 181 14.43 1.52 -11.85
C SER A 181 15.85 1.92 -11.54
N SER A 182 16.75 0.94 -11.50
CA SER A 182 18.19 1.22 -11.46
C SER A 182 18.81 0.59 -12.69
N THR A 183 19.56 1.38 -13.45
CA THR A 183 20.10 0.89 -14.71
C THR A 183 21.61 0.96 -14.64
N LEU A 184 22.25 -0.19 -14.79
CA LEU A 184 23.70 -0.28 -14.79
C LEU A 184 24.16 -0.27 -16.23
N THR A 185 25.05 0.66 -16.56
CA THR A 185 25.52 0.79 -17.94
C THR A 185 26.99 0.41 -18.07
N LEU A 186 27.28 -0.50 -18.99
CA LEU A 186 28.67 -0.78 -19.32
C LEU A 186 28.85 -1.15 -20.79
N SER A 187 30.10 -1.14 -21.23
CA SER A 187 30.41 -1.50 -22.60
C SER A 187 30.12 -2.98 -22.79
N LYS A 188 29.73 -3.34 -24.01
CA LYS A 188 29.52 -4.75 -24.33
C LYS A 188 30.79 -5.54 -24.00
N ALA A 189 31.93 -4.91 -24.23
CA ALA A 189 33.22 -5.54 -23.97
C ALA A 189 33.36 -5.93 -22.50
N ASP A 190 33.02 -5.02 -21.61
CA ASP A 190 33.09 -5.27 -20.18
C ASP A 190 32.01 -6.26 -19.71
N TYR A 191 30.82 -6.17 -20.30
CA TYR A 191 29.73 -7.09 -19.97
C TYR A 191 30.12 -8.54 -20.25
N GLU A 192 30.68 -8.76 -21.44
CA GLU A 192 31.02 -10.12 -21.87
C GLU A 192 32.17 -10.74 -21.09
N LYS A 193 32.92 -9.92 -20.36
CA LYS A 193 34.03 -10.42 -19.56
C LYS A 193 33.58 -11.08 -18.26
N HIS A 194 32.44 -10.67 -17.74
CA HIS A 194 32.00 -11.15 -16.43
C HIS A 194 30.78 -12.07 -16.48
N LYS A 195 30.57 -12.82 -15.40
CA LYS A 195 29.56 -13.86 -15.39
C LYS A 195 28.34 -13.54 -14.53
N VAL A 196 28.56 -13.16 -13.27
CA VAL A 196 27.44 -12.96 -12.34
C VAL A 196 27.09 -11.48 -12.16
N TYR A 197 25.82 -11.18 -12.40
CA TYR A 197 25.31 -9.82 -12.23
C TYR A 197 24.22 -9.84 -11.19
N ALA A 198 24.28 -8.94 -10.22
CA ALA A 198 23.32 -8.94 -9.13
C ALA A 198 22.98 -7.53 -8.66
N CYS A 199 21.71 -7.32 -8.33
CA CYS A 199 21.34 -6.09 -7.65
C CYS A 199 20.79 -6.44 -6.28
N GLU A 200 21.33 -5.78 -5.26
CA GLU A 200 20.94 -6.01 -3.88
C GLU A 200 20.11 -4.82 -3.41
N VAL A 201 18.92 -5.10 -2.90
CA VAL A 201 18.01 -4.04 -2.51
C VAL A 201 17.86 -3.98 -1.01
N THR A 202 18.01 -2.78 -0.46
CA THR A 202 17.83 -2.54 0.97
C THR A 202 16.66 -1.58 1.16
N HIS A 203 15.74 -1.90 2.06
CA HIS A 203 14.53 -1.12 2.22
C HIS A 203 13.92 -1.32 3.60
N GLN A 204 13.28 -0.29 4.13
CA GLN A 204 12.60 -0.37 5.42
C GLN A 204 11.72 -1.62 5.57
N GLY A 205 11.09 -2.05 4.47
CA GLY A 205 10.17 -3.17 4.51
C GLY A 205 10.83 -4.54 4.40
N LEU A 206 12.14 -4.56 4.26
CA LEU A 206 12.89 -5.81 4.12
C LEU A 206 13.79 -6.04 5.33
N SER A 207 13.48 -7.04 6.14
CA SER A 207 14.26 -7.33 7.34
C SER A 207 15.71 -7.58 6.98
N SER A 208 15.92 -8.19 5.82
CA SER A 208 17.27 -8.36 5.26
C SER A 208 17.22 -8.05 3.76
N PRO A 209 18.32 -7.52 3.21
CA PRO A 209 18.33 -7.14 1.80
C PRO A 209 17.97 -8.30 0.88
N VAL A 210 17.32 -7.99 -0.24
CA VAL A 210 16.99 -8.99 -1.25
C VAL A 210 17.94 -8.83 -2.43
N THR A 211 18.49 -9.96 -2.90
CA THR A 211 19.35 -9.91 -4.07
C THR A 211 18.71 -10.67 -5.22
N LYS A 212 18.67 -10.03 -6.39
CA LYS A 212 18.29 -10.73 -7.61
C LYS A 212 19.52 -10.80 -8.50
N SER A 213 19.72 -11.96 -9.14
CA SER A 213 20.96 -12.16 -9.88
C SER A 213 20.73 -13.02 -11.11
N PHE A 214 21.67 -12.92 -12.04
CA PHE A 214 21.69 -13.82 -13.21
C PHE A 214 23.11 -14.14 -13.68
N ASN A 215 23.24 -15.27 -14.35
CA ASN A 215 24.49 -15.65 -14.99
C ASN A 215 24.39 -15.47 -16.49
N ARG A 216 25.28 -14.65 -17.05
CA ARG A 216 25.67 -14.65 -18.47
C ARG A 216 26.54 -13.44 -18.77
N GLY A 217 27.17 -13.43 -19.94
CA GLY A 217 28.08 -12.35 -20.30
C GLY A 217 29.53 -12.78 -20.26
N ASP B 1 -13.08 7.78 20.48
CA ASP B 1 -13.25 8.97 21.29
C ASP B 1 -13.23 8.66 22.78
N ILE B 2 -14.09 7.75 23.26
CA ILE B 2 -13.82 7.16 24.56
C ILE B 2 -12.69 6.15 24.37
N VAL B 3 -11.64 6.27 25.16
CA VAL B 3 -10.50 5.37 25.09
C VAL B 3 -10.61 4.32 26.18
N MET B 4 -10.48 3.05 25.79
CA MET B 4 -10.54 1.94 26.72
C MET B 4 -9.14 1.35 26.91
N THR B 5 -8.71 1.24 28.15
CA THR B 5 -7.38 0.75 28.48
C THR B 5 -7.47 -0.52 29.32
N GLN B 6 -6.98 -1.64 28.79
CA GLN B 6 -6.97 -2.90 29.53
C GLN B 6 -5.61 -3.22 30.13
N SER B 7 -5.62 -3.99 31.22
CA SER B 7 -4.39 -4.40 31.87
C SER B 7 -4.65 -5.71 32.61
N PRO B 8 -3.70 -6.65 32.56
CA PRO B 8 -2.45 -6.62 31.79
C PRO B 8 -2.75 -7.02 30.35
N LEU B 9 -1.75 -6.93 29.47
CA LEU B 9 -1.96 -7.34 28.10
C LEU B 9 -1.94 -8.86 27.96
N SER B 10 -1.31 -9.54 28.92
CA SER B 10 -1.25 -11.00 28.89
C SER B 10 -1.23 -11.58 30.29
N LEU B 11 -1.89 -12.73 30.46
CA LEU B 11 -1.97 -13.43 31.74
C LEU B 11 -1.63 -14.90 31.53
N SER B 12 -0.90 -15.48 32.47
CA SER B 12 -0.66 -16.92 32.46
C SER B 12 -1.19 -17.47 33.78
N VAL B 13 -2.11 -18.42 33.69
CA VAL B 13 -2.83 -18.87 34.88
C VAL B 13 -2.80 -20.38 35.05
N THR B 14 -2.54 -20.82 36.29
CA THR B 14 -2.58 -22.25 36.60
C THR B 14 -4.02 -22.74 36.55
N PRO B 15 -4.27 -23.92 35.95
CA PRO B 15 -5.66 -24.39 35.93
C PRO B 15 -6.27 -24.38 37.33
N GLY B 16 -7.50 -23.91 37.44
CA GLY B 16 -8.18 -23.91 38.72
C GLY B 16 -7.99 -22.62 39.51
N GLU B 17 -7.02 -21.80 39.10
CA GLU B 17 -6.77 -20.52 39.75
C GLU B 17 -7.57 -19.41 39.06
N PRO B 18 -7.78 -18.28 39.76
CA PRO B 18 -8.53 -17.18 39.14
C PRO B 18 -7.66 -16.31 38.24
N ALA B 19 -8.31 -15.62 37.31
CA ALA B 19 -7.65 -14.61 36.50
C ALA B 19 -8.52 -13.38 36.50
N SER B 20 -7.90 -12.21 36.64
CA SER B 20 -8.65 -10.97 36.64
C SER B 20 -8.10 -10.02 35.60
N ILE B 21 -8.99 -9.38 34.86
CA ILE B 21 -8.60 -8.45 33.80
C ILE B 21 -9.23 -7.09 34.09
N SER B 22 -8.40 -6.06 34.05
CA SER B 22 -8.88 -4.71 34.35
C SER B 22 -9.23 -3.94 33.07
N CYS B 23 -10.25 -3.10 33.15
CA CYS B 23 -10.58 -2.20 32.04
C CYS B 23 -10.90 -0.82 32.62
N ARG B 24 -10.26 0.20 32.05
CA ARG B 24 -10.51 1.57 32.47
C ARG B 24 -10.98 2.39 31.25
N SER B 25 -12.01 3.21 31.43
CA SER B 25 -12.47 4.10 30.36
C SER B 25 -12.08 5.54 30.64
N SER B 26 -11.86 6.29 29.57
CA SER B 26 -11.40 7.67 29.68
C SER B 26 -12.50 8.59 30.20
N GLN B 27 -13.73 8.12 30.17
CA GLN B 27 -14.83 8.85 30.82
C GLN B 27 -15.88 7.88 31.36
N SER B 28 -16.76 8.40 32.22
CA SER B 28 -17.69 7.51 32.90
C SER B 28 -18.66 6.83 31.94
N LEU B 29 -18.87 5.54 32.16
CA LEU B 29 -19.83 4.77 31.38
C LEU B 29 -21.19 4.61 32.10
N LEU B 30 -21.36 5.33 33.20
CA LEU B 30 -22.60 5.29 33.95
C LEU B 30 -23.66 6.16 33.28
N HIS B 31 -24.76 5.55 32.90
CA HIS B 31 -25.86 6.24 32.27
C HIS B 31 -26.85 6.69 33.35
N THR B 32 -27.77 7.58 32.98
CA THR B 32 -28.74 8.12 33.94
C THR B 32 -29.75 7.09 34.40
N ASN B 33 -29.78 5.94 33.73
CA ASN B 33 -30.67 4.86 34.14
C ASN B 33 -30.07 3.96 35.21
N GLY B 34 -28.85 4.27 35.64
CA GLY B 34 -28.20 3.51 36.69
C GLY B 34 -27.31 2.38 36.22
N TYR B 35 -27.27 2.18 34.91
CA TYR B 35 -26.46 1.10 34.36
C TYR B 35 -25.14 1.59 33.78
N ASN B 36 -24.13 0.73 33.84
CA ASN B 36 -22.81 1.00 33.27
C ASN B 36 -22.63 0.29 31.95
N TYR B 37 -22.33 1.06 30.90
CA TYR B 37 -22.39 0.53 29.54
C TYR B 37 -21.04 -0.03 29.11
N LEU B 38 -20.66 -1.13 29.75
CA LEU B 38 -19.39 -1.79 29.46
C LEU B 38 -19.67 -3.26 29.16
N ASP B 39 -19.15 -3.75 28.03
CA ASP B 39 -19.34 -5.17 27.63
C ASP B 39 -17.98 -5.87 27.65
N TRP B 40 -17.99 -7.18 27.84
CA TRP B 40 -16.79 -8.00 27.62
C TRP B 40 -17.06 -9.04 26.54
N TYR B 41 -16.09 -9.21 25.65
CA TYR B 41 -16.13 -10.19 24.55
C TYR B 41 -14.91 -11.10 24.66
N VAL B 42 -15.05 -12.36 24.26
CA VAL B 42 -13.87 -13.19 24.15
C VAL B 42 -13.75 -13.70 22.73
N GLN B 43 -12.50 -13.78 22.28
CA GLN B 43 -12.24 -14.40 20.99
C GLN B 43 -11.31 -15.56 21.20
N LYS B 44 -11.86 -16.77 21.08
CA LYS B 44 -11.07 -17.98 21.21
C LYS B 44 -10.30 -18.27 19.92
N PRO B 45 -9.20 -19.05 20.02
CA PRO B 45 -8.38 -19.38 18.86
C PRO B 45 -9.21 -19.80 17.64
N GLY B 46 -9.06 -19.05 16.55
CA GLY B 46 -9.71 -19.39 15.30
C GLY B 46 -11.20 -19.12 15.26
N GLN B 47 -11.73 -18.42 16.25
CA GLN B 47 -13.16 -18.16 16.30
C GLN B 47 -13.48 -16.67 16.19
N SER B 48 -14.75 -16.38 15.95
CA SER B 48 -15.26 -15.01 16.03
C SER B 48 -15.37 -14.57 17.48
N PRO B 49 -15.44 -13.25 17.71
CA PRO B 49 -15.74 -12.78 19.07
C PRO B 49 -17.09 -13.27 19.54
N GLN B 50 -17.24 -13.41 20.85
CA GLN B 50 -18.51 -13.79 21.44
C GLN B 50 -18.76 -12.99 22.72
N LEU B 51 -20.02 -12.66 22.94
CA LEU B 51 -20.40 -11.86 24.10
C LEU B 51 -20.27 -12.66 25.39
N LEU B 52 -19.65 -12.06 26.40
CA LEU B 52 -19.54 -12.70 27.72
C LEU B 52 -20.41 -11.99 28.75
N ILE B 53 -20.24 -10.67 28.82
CA ILE B 53 -20.88 -9.84 29.84
C ILE B 53 -21.39 -8.58 29.16
N TYR B 54 -22.60 -8.14 29.53
CA TYR B 54 -23.07 -6.84 29.07
C TYR B 54 -23.50 -6.02 30.27
N LEU B 55 -23.54 -4.70 30.09
CA LEU B 55 -23.89 -3.78 31.19
C LEU B 55 -23.05 -4.03 32.45
N ALA B 56 -21.76 -4.26 32.24
CA ALA B 56 -20.75 -4.39 33.30
C ALA B 56 -20.79 -5.70 34.06
N SER B 57 -21.99 -6.19 34.37
CA SER B 57 -22.12 -7.34 35.26
C SER B 57 -23.17 -8.39 34.85
N ASN B 58 -23.86 -8.20 33.73
CA ASN B 58 -24.86 -9.18 33.31
C ASN B 58 -24.24 -10.26 32.45
N ARG B 59 -24.33 -11.51 32.88
CA ARG B 59 -23.73 -12.59 32.13
C ARG B 59 -24.61 -12.96 30.94
N ALA B 60 -24.02 -13.08 29.76
CA ALA B 60 -24.77 -13.45 28.57
C ALA B 60 -25.20 -14.92 28.62
N SER B 61 -26.21 -15.28 27.84
CA SER B 61 -26.66 -16.66 27.82
C SER B 61 -25.55 -17.58 27.30
N GLY B 62 -25.44 -18.76 27.90
CA GLY B 62 -24.46 -19.75 27.49
C GLY B 62 -23.09 -19.59 28.14
N VAL B 63 -22.90 -18.50 28.87
CA VAL B 63 -21.64 -18.22 29.54
C VAL B 63 -21.58 -18.90 30.90
N PRO B 64 -20.48 -19.61 31.18
CA PRO B 64 -20.32 -20.31 32.47
C PRO B 64 -20.32 -19.40 33.71
N ASP B 65 -20.72 -19.97 34.84
CA ASP B 65 -20.81 -19.30 36.14
C ASP B 65 -19.51 -18.66 36.57
N ARG B 66 -18.41 -19.21 36.11
CA ARG B 66 -17.11 -18.76 36.60
C ARG B 66 -16.71 -17.41 36.05
N PHE B 67 -17.45 -16.91 35.05
CA PHE B 67 -17.19 -15.55 34.54
C PHE B 67 -18.04 -14.53 35.27
N SER B 68 -17.40 -13.49 35.79
CA SER B 68 -18.18 -12.42 36.41
C SER B 68 -17.58 -11.08 36.10
N GLY B 69 -18.44 -10.11 35.86
CA GLY B 69 -17.98 -8.76 35.61
C GLY B 69 -18.41 -7.84 36.74
N SER B 70 -17.60 -6.83 37.00
CA SER B 70 -17.94 -5.90 38.07
C SER B 70 -17.39 -4.52 37.77
N GLY B 71 -17.81 -3.54 38.57
CA GLY B 71 -17.31 -2.19 38.41
C GLY B 71 -18.34 -1.15 38.03
N SER B 72 -17.89 0.11 38.00
CA SER B 72 -18.79 1.21 37.73
C SER B 72 -17.99 2.45 37.35
N GLY B 73 -18.62 3.33 36.58
CA GLY B 73 -18.03 4.61 36.25
C GLY B 73 -16.94 4.46 35.21
N THR B 74 -15.68 4.55 35.65
CA THR B 74 -14.56 4.34 34.74
C THR B 74 -13.76 3.07 35.05
N ASP B 75 -14.14 2.31 36.08
CA ASP B 75 -13.28 1.23 36.59
C ASP B 75 -14.00 -0.13 36.58
N PHE B 76 -13.45 -1.08 35.81
CA PHE B 76 -14.14 -2.35 35.61
C PHE B 76 -13.19 -3.55 35.69
N THR B 77 -13.74 -4.70 36.06
CA THR B 77 -12.97 -5.93 36.14
C THR B 77 -13.76 -7.09 35.55
N LEU B 78 -13.08 -7.96 34.81
CA LEU B 78 -13.62 -9.27 34.47
C LEU B 78 -12.85 -10.29 35.28
N LYS B 79 -13.55 -11.10 36.07
CA LYS B 79 -12.87 -12.17 36.81
C LYS B 79 -13.30 -13.53 36.27
N ILE B 80 -12.31 -14.35 35.95
CA ILE B 80 -12.58 -15.73 35.62
C ILE B 80 -12.17 -16.56 36.82
N SER B 81 -13.13 -17.16 37.49
CA SER B 81 -12.81 -18.08 38.57
C SER B 81 -12.48 -19.44 37.95
N ARG B 82 -11.61 -20.18 38.63
CA ARG B 82 -11.31 -21.56 38.27
C ARG B 82 -11.06 -21.71 36.78
N VAL B 83 -10.01 -21.06 36.30
CA VAL B 83 -9.67 -21.10 34.88
C VAL B 83 -9.49 -22.53 34.34
N GLU B 84 -10.03 -22.78 33.15
CA GLU B 84 -9.92 -24.06 32.46
C GLU B 84 -9.31 -23.85 31.08
N THR B 85 -8.88 -24.92 30.42
CA THR B 85 -8.36 -24.85 29.06
C THR B 85 -9.33 -24.16 28.08
N GLU B 86 -10.62 -24.42 28.28
CA GLU B 86 -11.65 -23.86 27.43
C GLU B 86 -11.67 -22.33 27.43
N ASP B 87 -11.04 -21.71 28.45
CA ASP B 87 -10.99 -20.25 28.61
C ASP B 87 -9.84 -19.53 27.89
N VAL B 88 -8.89 -20.27 27.32
CA VAL B 88 -7.78 -19.67 26.58
C VAL B 88 -8.30 -18.82 25.42
N GLY B 89 -7.75 -17.62 25.27
CA GLY B 89 -8.19 -16.70 24.23
C GLY B 89 -7.89 -15.25 24.54
N VAL B 90 -8.42 -14.36 23.72
CA VAL B 90 -8.22 -12.93 23.91
C VAL B 90 -9.52 -12.27 24.37
N TYR B 91 -9.44 -11.50 25.45
CA TYR B 91 -10.60 -10.87 26.07
C TYR B 91 -10.58 -9.39 25.80
N TYR B 92 -11.70 -8.85 25.34
CA TYR B 92 -11.80 -7.43 25.01
C TYR B 92 -12.93 -6.78 25.79
N CYS B 93 -12.68 -5.60 26.36
CA CYS B 93 -13.81 -4.79 26.81
C CYS B 93 -14.23 -3.84 25.68
N MET B 94 -15.49 -3.43 25.72
CA MET B 94 -16.04 -2.49 24.74
C MET B 94 -17.03 -1.59 25.45
N GLN B 95 -16.93 -0.28 25.24
CA GLN B 95 -17.97 0.59 25.78
C GLN B 95 -19.14 0.70 24.78
N ALA B 96 -20.35 0.77 25.33
CA ALA B 96 -21.56 0.82 24.53
C ALA B 96 -22.36 2.06 24.87
N LEU B 97 -21.69 3.08 25.41
CA LEU B 97 -22.35 4.33 25.78
C LEU B 97 -22.44 5.28 24.60
N GLN B 98 -21.44 5.24 23.73
CA GLN B 98 -21.29 6.26 22.69
C GLN B 98 -20.89 5.66 21.34
N ILE B 99 -21.19 6.40 20.27
CA ILE B 99 -20.60 6.21 18.95
C ILE B 99 -19.41 7.19 18.84
N PRO B 100 -18.22 6.70 18.41
CA PRO B 100 -17.92 5.34 17.97
C PRO B 100 -17.84 4.32 19.10
N ARG B 101 -18.34 3.11 18.87
CA ARG B 101 -18.03 2.00 19.78
C ARG B 101 -16.51 1.83 19.79
N THR B 102 -15.94 1.65 20.97
CA THR B 102 -14.50 1.49 21.12
C THR B 102 -14.13 0.32 22.01
N PHE B 103 -13.02 -0.33 21.69
CA PHE B 103 -12.59 -1.54 22.38
C PHE B 103 -11.27 -1.32 23.08
N GLY B 104 -11.05 -2.09 24.14
CA GLY B 104 -9.72 -2.19 24.72
C GLY B 104 -8.80 -2.96 23.77
N GLN B 105 -7.52 -3.01 24.13
CA GLN B 105 -6.51 -3.60 23.25
C GLN B 105 -6.57 -5.10 23.19
N GLY B 106 -7.21 -5.71 24.18
CA GLY B 106 -7.29 -7.15 24.28
C GLY B 106 -6.27 -7.70 25.27
N THR B 107 -6.67 -8.71 26.05
CA THR B 107 -5.78 -9.35 27.01
C THR B 107 -5.78 -10.82 26.68
N LYS B 108 -4.59 -11.38 26.43
CA LYS B 108 -4.48 -12.79 26.10
C LYS B 108 -4.35 -13.61 27.37
N VAL B 109 -5.17 -14.64 27.49
CA VAL B 109 -5.14 -15.51 28.65
C VAL B 109 -4.61 -16.87 28.20
N GLU B 110 -3.56 -17.34 28.86
CA GLU B 110 -3.02 -18.65 28.56
C GLU B 110 -2.92 -19.48 29.82
N ILE B 111 -2.91 -20.80 29.65
CA ILE B 111 -2.85 -21.76 30.76
C ILE B 111 -1.40 -22.05 31.13
N LYS B 112 -1.09 -22.04 32.41
CA LYS B 112 0.25 -22.37 32.87
C LYS B 112 0.29 -23.86 33.24
N ARG B 113 1.08 -24.66 32.52
CA ARG B 113 1.19 -26.09 32.78
C ARG B 113 2.62 -26.44 33.17
N THR B 114 2.88 -27.72 33.40
CA THR B 114 4.24 -28.16 33.74
C THR B 114 5.18 -27.93 32.56
N VAL B 115 6.39 -27.46 32.85
CA VAL B 115 7.40 -27.27 31.82
C VAL B 115 7.61 -28.55 30.99
N ALA B 116 7.68 -28.38 29.68
CA ALA B 116 7.82 -29.50 28.76
C ALA B 116 8.82 -29.13 27.68
N ALA B 117 9.88 -29.94 27.55
CA ALA B 117 10.88 -29.68 26.53
C ALA B 117 10.33 -30.03 25.15
N PRO B 118 10.75 -29.30 24.12
CA PRO B 118 10.29 -29.64 22.78
C PRO B 118 10.93 -30.92 22.25
N SER B 119 10.17 -31.70 21.50
CA SER B 119 10.75 -32.72 20.64
C SER B 119 11.16 -32.01 19.36
N VAL B 120 12.40 -32.20 18.93
CA VAL B 120 12.94 -31.44 17.80
C VAL B 120 13.15 -32.34 16.58
N PHE B 121 12.76 -31.84 15.41
CA PHE B 121 12.93 -32.55 14.15
C PHE B 121 13.45 -31.60 13.09
N ILE B 122 14.29 -32.12 12.20
CA ILE B 122 14.80 -31.31 11.11
C ILE B 122 14.49 -31.99 9.77
N PHE B 123 14.12 -31.19 8.79
CA PHE B 123 13.72 -31.67 7.46
C PHE B 123 14.54 -30.99 6.38
N PRO B 124 15.24 -31.79 5.58
CA PRO B 124 15.94 -31.23 4.41
C PRO B 124 14.94 -30.82 3.33
N PRO B 125 15.37 -29.97 2.39
CA PRO B 125 14.48 -29.65 1.28
C PRO B 125 14.20 -30.87 0.40
N SER B 126 13.03 -30.89 -0.23
CA SER B 126 12.67 -31.99 -1.12
C SER B 126 13.37 -31.81 -2.47
N ASP B 127 13.63 -32.92 -3.15
CA ASP B 127 14.22 -32.82 -4.50
C ASP B 127 13.36 -31.95 -5.42
N GLU B 128 12.05 -32.03 -5.24
CA GLU B 128 11.12 -31.25 -6.07
C GLU B 128 11.30 -29.74 -5.92
N GLN B 129 11.46 -29.27 -4.69
CA GLN B 129 11.67 -27.84 -4.48
C GLN B 129 12.98 -27.39 -5.11
N LEU B 130 14.01 -28.23 -4.98
CA LEU B 130 15.35 -27.91 -5.46
C LEU B 130 15.39 -27.67 -6.96
N LYS B 131 14.60 -28.46 -7.66
CA LYS B 131 14.41 -28.36 -9.08
C LYS B 131 14.16 -26.96 -9.43
N SER B 132 13.45 -26.26 -8.59
CA SER B 132 13.16 -24.96 -9.04
C SER B 132 13.71 -23.76 -8.32
N GLY B 133 14.94 -23.86 -7.86
CA GLY B 133 15.66 -22.67 -7.50
C GLY B 133 15.88 -22.37 -6.04
N THR B 134 15.05 -22.93 -5.20
CA THR B 134 15.09 -22.57 -3.80
C THR B 134 15.18 -23.78 -2.92
N ALA B 135 15.74 -23.59 -1.76
CA ALA B 135 15.82 -24.63 -0.75
C ALA B 135 15.27 -24.14 0.58
N SER B 136 14.28 -24.87 1.11
CA SER B 136 13.78 -24.58 2.44
C SER B 136 14.15 -25.71 3.38
N VAL B 137 14.79 -25.37 4.49
CA VAL B 137 15.14 -26.35 5.50
C VAL B 137 14.27 -26.03 6.71
N VAL B 138 13.59 -27.04 7.24
CA VAL B 138 12.63 -26.79 8.30
C VAL B 138 13.01 -27.48 9.59
N CYS B 139 12.99 -26.73 10.68
CA CYS B 139 13.21 -27.26 12.02
C CYS B 139 11.90 -27.16 12.79
N LEU B 140 11.46 -28.28 13.35
CA LEU B 140 10.22 -28.31 14.10
C LEU B 140 10.47 -28.52 15.59
N LEU B 141 9.89 -27.66 16.43
CA LEU B 141 9.90 -27.86 17.87
C LEU B 141 8.48 -28.23 18.25
N ASN B 142 8.29 -29.43 18.77
CA ASN B 142 6.92 -29.90 18.99
C ASN B 142 6.55 -30.02 20.46
N ASN B 143 5.37 -29.50 20.78
CA ASN B 143 4.69 -29.74 22.05
C ASN B 143 5.50 -29.35 23.27
N PHE B 144 5.83 -28.06 23.35
CA PHE B 144 6.65 -27.58 24.46
C PHE B 144 5.94 -26.49 25.27
N TYR B 145 6.46 -26.25 26.47
CA TYR B 145 5.94 -25.19 27.32
C TYR B 145 7.05 -24.81 28.28
N PRO B 146 7.25 -23.51 28.52
CA PRO B 146 6.53 -22.35 27.98
C PRO B 146 7.02 -21.97 26.58
N ARG B 147 6.43 -20.90 26.07
CA ARG B 147 6.59 -20.52 24.68
C ARG B 147 7.99 -20.06 24.32
N GLU B 148 8.68 -19.46 25.28
CA GLU B 148 10.02 -18.93 25.05
C GLU B 148 10.98 -20.02 24.60
N ALA B 149 11.63 -19.81 23.45
CA ALA B 149 12.60 -20.77 22.95
C ALA B 149 13.56 -20.08 22.01
N LYS B 150 14.81 -20.52 22.02
CA LYS B 150 15.81 -20.00 21.09
C LYS B 150 16.14 -21.07 20.07
N VAL B 151 16.01 -20.73 18.79
CA VAL B 151 16.35 -21.65 17.72
C VAL B 151 17.37 -21.00 16.81
N GLN B 152 18.55 -21.61 16.69
CA GLN B 152 19.60 -21.06 15.82
C GLN B 152 20.03 -22.08 14.75
N TRP B 153 20.33 -21.58 13.56
CA TRP B 153 20.77 -22.44 12.47
C TRP B 153 22.26 -22.37 12.30
N LYS B 154 22.89 -23.52 12.08
CA LYS B 154 24.31 -23.56 11.74
C LYS B 154 24.49 -24.33 10.46
N VAL B 155 25.28 -23.79 9.55
CA VAL B 155 25.54 -24.44 8.30
C VAL B 155 27.04 -24.63 8.21
N ASP B 156 27.47 -25.88 8.18
CA ASP B 156 28.89 -26.22 8.30
C ASP B 156 29.52 -25.45 9.47
N ASN B 157 28.80 -25.50 10.59
CA ASN B 157 29.20 -24.91 11.87
C ASN B 157 29.05 -23.38 11.99
N ALA B 158 28.72 -22.72 10.89
CA ALA B 158 28.61 -21.27 10.88
C ALA B 158 27.21 -20.80 11.25
N LEU B 159 27.14 -19.95 12.27
CA LEU B 159 25.87 -19.39 12.73
C LEU B 159 25.22 -18.53 11.65
N GLN B 160 23.95 -18.82 11.34
CA GLN B 160 23.24 -18.11 10.27
C GLN B 160 22.49 -16.91 10.83
N SER B 161 22.33 -15.88 10.01
CA SER B 161 21.57 -14.71 10.42
C SER B 161 20.85 -14.10 9.22
N GLY B 162 19.59 -13.70 9.43
CA GLY B 162 18.85 -12.97 8.40
C GLY B 162 18.13 -13.82 7.37
N ASN B 163 18.31 -15.13 7.42
CA ASN B 163 17.73 -16.00 6.40
C ASN B 163 16.76 -17.04 6.95
N SER B 164 16.20 -16.79 8.12
CA SER B 164 15.20 -17.70 8.67
C SER B 164 13.99 -16.97 9.24
N GLN B 165 12.85 -17.65 9.29
CA GLN B 165 11.65 -17.08 9.88
C GLN B 165 11.01 -18.12 10.79
N GLU B 166 10.40 -17.66 11.87
CA GLU B 166 9.73 -18.54 12.84
C GLU B 166 8.22 -18.37 12.79
N SER B 167 7.49 -19.46 13.05
CA SER B 167 6.05 -19.37 13.24
C SER B 167 5.66 -20.24 14.43
N VAL B 168 4.71 -19.77 15.24
CA VAL B 168 4.35 -20.48 16.47
C VAL B 168 2.86 -20.70 16.51
N THR B 169 2.43 -21.87 16.97
CA THR B 169 1.00 -22.15 17.08
C THR B 169 0.40 -21.48 18.31
N GLU B 170 -0.92 -21.42 18.35
CA GLU B 170 -1.56 -21.02 19.58
C GLU B 170 -1.57 -22.23 20.51
N GLN B 171 -1.84 -22.00 21.79
CA GLN B 171 -1.80 -23.06 22.78
C GLN B 171 -2.78 -24.22 22.49
N ASP B 172 -2.29 -25.46 22.58
CA ASP B 172 -3.07 -26.65 22.22
C ASP B 172 -4.16 -26.96 23.24
N SER B 173 -5.36 -27.30 22.78
CA SER B 173 -6.46 -27.58 23.71
C SER B 173 -6.26 -28.89 24.48
N LYS B 174 -5.75 -29.92 23.82
CA LYS B 174 -5.52 -31.20 24.47
C LYS B 174 -4.47 -31.14 25.58
N ASP B 175 -3.36 -30.43 25.34
CA ASP B 175 -2.25 -30.49 26.29
C ASP B 175 -1.61 -29.16 26.71
N SER B 176 -2.15 -28.03 26.26
CA SER B 176 -1.69 -26.69 26.65
C SER B 176 -0.25 -26.38 26.22
N THR B 177 0.21 -27.04 25.18
CA THR B 177 1.57 -26.80 24.70
C THR B 177 1.59 -25.92 23.45
N TYR B 178 2.81 -25.56 23.05
CA TYR B 178 3.03 -24.82 21.81
C TYR B 178 3.87 -25.66 20.87
N SER B 179 3.80 -25.34 19.59
CA SER B 179 4.75 -25.87 18.63
C SER B 179 5.30 -24.72 17.81
N LEU B 180 6.47 -24.92 17.23
CA LEU B 180 7.15 -23.86 16.52
C LEU B 180 7.88 -24.41 15.31
N SER B 181 7.79 -23.71 14.20
CA SER B 181 8.60 -24.03 13.03
C SER B 181 9.60 -22.91 12.80
N SER B 182 10.82 -23.29 12.44
CA SER B 182 11.81 -22.33 11.96
C SER B 182 12.22 -22.78 10.58
N THR B 183 12.17 -21.88 9.60
CA THR B 183 12.46 -22.24 8.24
C THR B 183 13.63 -21.44 7.70
N LEU B 184 14.69 -22.14 7.30
CA LEU B 184 15.88 -21.53 6.72
C LEU B 184 15.72 -21.52 5.21
N THR B 185 15.86 -20.35 4.59
CA THR B 185 15.69 -20.26 3.15
C THR B 185 17.00 -19.91 2.48
N LEU B 186 17.38 -20.71 1.49
CA LEU B 186 18.64 -20.56 0.77
C LEU B 186 18.41 -20.73 -0.72
N SER B 187 19.25 -20.09 -1.53
CA SER B 187 19.27 -20.39 -2.96
C SER B 187 19.67 -21.85 -3.13
N LYS B 188 19.26 -22.47 -4.23
CA LYS B 188 19.66 -23.84 -4.51
C LYS B 188 21.19 -23.90 -4.59
N ALA B 189 21.77 -22.86 -5.18
CA ALA B 189 23.23 -22.72 -5.29
C ALA B 189 23.92 -22.70 -3.92
N ASP B 190 23.41 -21.87 -3.01
CA ASP B 190 23.97 -21.78 -1.67
C ASP B 190 23.80 -23.09 -0.90
N TYR B 191 22.64 -23.72 -1.04
CA TYR B 191 22.37 -24.98 -0.36
C TYR B 191 23.45 -25.99 -0.72
N GLU B 192 23.74 -26.11 -2.01
CA GLU B 192 24.63 -27.17 -2.50
C GLU B 192 26.11 -27.01 -2.12
N LYS B 193 26.53 -25.81 -1.76
CA LYS B 193 27.94 -25.59 -1.42
C LYS B 193 28.27 -25.83 0.04
N HIS B 194 27.37 -26.49 0.76
CA HIS B 194 27.61 -26.84 2.16
C HIS B 194 27.08 -28.23 2.46
N LYS B 195 27.62 -28.87 3.50
CA LYS B 195 27.26 -30.25 3.81
C LYS B 195 26.35 -30.39 5.03
N VAL B 196 26.77 -29.84 6.17
CA VAL B 196 26.07 -30.06 7.43
C VAL B 196 25.08 -28.94 7.77
N TYR B 197 23.82 -29.33 7.95
CA TYR B 197 22.77 -28.39 8.32
C TYR B 197 22.27 -28.76 9.70
N ALA B 198 22.28 -27.79 10.61
CA ALA B 198 21.91 -28.07 11.99
C ALA B 198 21.02 -26.97 12.57
N CYS B 199 20.05 -27.35 13.37
CA CYS B 199 19.34 -26.36 14.17
C CYS B 199 19.55 -26.66 15.63
N GLU B 200 19.89 -25.63 16.39
CA GLU B 200 20.21 -25.76 17.80
C GLU B 200 19.13 -25.06 18.61
N VAL B 201 18.61 -25.77 19.59
CA VAL B 201 17.44 -25.33 20.34
C VAL B 201 17.76 -25.19 21.82
N THR B 202 17.42 -24.03 22.37
CA THR B 202 17.58 -23.78 23.79
C THR B 202 16.19 -23.57 24.40
N HIS B 203 15.91 -24.30 25.46
CA HIS B 203 14.62 -24.19 26.14
C HIS B 203 14.75 -24.57 27.61
N GLN B 204 13.93 -23.94 28.44
CA GLN B 204 13.88 -24.17 29.87
C GLN B 204 13.81 -25.65 30.25
N GLY B 205 13.12 -26.46 29.45
CA GLY B 205 12.91 -27.86 29.77
C GLY B 205 14.09 -28.75 29.40
N LEU B 206 15.10 -28.14 28.80
CA LEU B 206 16.30 -28.87 28.38
C LEU B 206 17.48 -28.55 29.30
N SER B 207 18.19 -29.58 29.75
CA SER B 207 19.35 -29.40 30.62
C SER B 207 20.49 -28.71 29.88
N SER B 208 20.57 -28.98 28.58
CA SER B 208 21.58 -28.41 27.72
C SER B 208 20.95 -28.25 26.34
N PRO B 209 21.45 -27.30 25.53
CA PRO B 209 20.91 -27.14 24.18
C PRO B 209 20.98 -28.43 23.35
N VAL B 210 19.94 -28.63 22.55
CA VAL B 210 19.81 -29.81 21.73
C VAL B 210 20.01 -29.42 20.28
N THR B 211 20.86 -30.16 19.60
CA THR B 211 21.09 -29.93 18.17
C THR B 211 20.57 -31.09 17.34
N LYS B 212 19.83 -30.78 16.28
CA LYS B 212 19.46 -31.79 15.30
C LYS B 212 20.10 -31.39 13.99
N SER B 213 20.59 -32.37 13.25
CA SER B 213 21.28 -32.05 12.02
C SER B 213 21.15 -33.15 10.99
N PHE B 214 21.46 -32.80 9.76
CA PHE B 214 21.61 -33.79 8.70
C PHE B 214 22.75 -33.42 7.77
N ASN B 215 23.30 -34.43 7.14
CA ASN B 215 24.28 -34.24 6.08
C ASN B 215 23.58 -34.41 4.76
N ARG B 216 23.90 -33.50 3.83
CA ARG B 216 23.96 -33.77 2.38
C ARG B 216 23.17 -32.83 1.49
N GLY B 217 23.69 -31.62 1.35
CA GLY B 217 23.29 -30.72 0.30
C GLY B 217 24.29 -30.83 -0.86
N GLU C 1 -16.72 27.26 -19.39
CA GLU C 1 -15.38 27.21 -19.96
C GLU C 1 -14.65 25.95 -19.52
N GLU C 2 -14.28 25.08 -20.45
CA GLU C 2 -13.62 23.90 -19.93
C GLU C 2 -12.16 23.62 -20.23
N GLN C 3 -11.62 23.86 -21.44
CA GLN C 3 -10.20 23.54 -21.66
C GLN C 3 -9.39 24.52 -22.53
N VAL C 4 -8.07 24.49 -22.37
CA VAL C 4 -7.16 25.15 -23.33
C VAL C 4 -6.06 24.18 -23.74
N LEU C 5 -5.49 24.40 -24.91
CA LEU C 5 -4.41 23.54 -25.38
C LEU C 5 -3.28 24.39 -25.94
N GLU C 6 -2.08 24.22 -25.39
CA GLU C 6 -0.88 24.90 -25.86
C GLU C 6 -0.20 24.05 -26.91
N SER C 7 0.31 24.71 -27.94
CA SER C 7 1.09 24.02 -28.96
C SER C 7 2.23 24.91 -29.46
N GLY C 8 3.11 24.32 -30.27
CA GLY C 8 4.19 25.07 -30.90
C GLY C 8 5.55 24.79 -30.30
N GLY C 9 5.56 24.09 -29.17
CA GLY C 9 6.79 23.81 -28.46
C GLY C 9 7.64 22.76 -29.16
N GLY C 10 8.96 22.88 -29.00
CA GLY C 10 9.90 21.95 -29.60
C GLY C 10 11.32 22.38 -29.33
N LEU C 11 12.27 21.74 -30.01
CA LEU C 11 13.69 22.04 -29.91
C LEU C 11 14.09 23.20 -30.82
N VAL C 12 14.82 24.16 -30.24
CA VAL C 12 15.37 25.29 -30.98
C VAL C 12 16.78 25.55 -30.46
N LYS C 13 17.66 26.06 -31.32
CA LYS C 13 18.99 26.47 -30.90
C LYS C 13 18.93 27.79 -30.14
N PRO C 14 19.88 28.01 -29.21
CA PRO C 14 19.98 29.33 -28.56
C PRO C 14 20.09 30.43 -29.61
N GLY C 15 19.34 31.52 -29.42
CA GLY C 15 19.30 32.58 -30.40
C GLY C 15 18.14 32.45 -31.37
N GLY C 16 17.52 31.26 -31.39
CA GLY C 16 16.44 30.98 -32.32
C GLY C 16 15.09 31.53 -31.89
N SER C 17 14.05 31.19 -32.63
CA SER C 17 12.70 31.69 -32.35
C SER C 17 11.68 30.57 -32.39
N LEU C 18 10.60 30.76 -31.63
CA LEU C 18 9.47 29.85 -31.63
C LEU C 18 8.22 30.67 -31.40
N ARG C 19 7.11 30.22 -31.97
CA ARG C 19 5.80 30.81 -31.66
C ARG C 19 4.90 29.79 -30.99
N LEU C 20 4.49 30.06 -29.75
CA LEU C 20 3.54 29.19 -29.08
C LEU C 20 2.13 29.69 -29.29
N SER C 21 1.19 28.76 -29.31
CA SER C 21 -0.22 29.09 -29.44
C SER C 21 -0.96 28.48 -28.27
N CYS C 22 -2.04 29.13 -27.86
CA CYS C 22 -2.92 28.61 -26.84
C CYS C 22 -4.33 28.73 -27.38
N ALA C 23 -5.02 27.61 -27.52
CA ALA C 23 -6.37 27.62 -28.10
C ALA C 23 -7.42 27.23 -27.09
N ALA C 24 -8.52 27.97 -27.07
CA ALA C 24 -9.58 27.71 -26.08
C ALA C 24 -10.61 26.74 -26.63
N SER C 25 -11.12 25.88 -25.76
CA SER C 25 -12.18 24.94 -26.12
C SER C 25 -13.30 25.01 -25.10
N GLY C 26 -14.52 25.27 -25.58
CA GLY C 26 -15.68 25.30 -24.70
C GLY C 26 -16.03 26.64 -24.11
N PHE C 27 -15.25 27.65 -24.49
CA PHE C 27 -15.50 29.03 -24.11
C PHE C 27 -14.73 29.94 -25.04
N THR C 28 -15.02 31.24 -24.97
CA THR C 28 -14.32 32.24 -25.77
C THR C 28 -13.34 33.01 -24.90
N PHE C 29 -12.12 33.22 -25.40
CA PHE C 29 -11.08 33.94 -24.65
C PHE C 29 -11.40 35.43 -24.50
N SER C 30 -12.18 35.98 -25.43
CA SER C 30 -12.31 37.43 -25.56
C SER C 30 -12.54 38.29 -24.29
N PRO C 31 -13.39 37.83 -23.34
CA PRO C 31 -13.60 38.66 -22.15
C PRO C 31 -12.42 38.72 -21.15
N TYR C 32 -11.38 37.92 -21.38
CA TYR C 32 -10.47 37.60 -20.30
C TYR C 32 -9.03 37.95 -20.60
N SER C 33 -8.31 38.31 -19.54
CA SER C 33 -6.85 38.30 -19.58
C SER C 33 -6.35 36.87 -19.57
N VAL C 34 -5.24 36.64 -20.28
CA VAL C 34 -4.65 35.32 -20.37
C VAL C 34 -3.20 35.41 -19.94
N PHE C 35 -2.74 34.41 -19.18
CA PHE C 35 -1.41 34.42 -18.61
C PHE C 35 -0.62 33.23 -19.15
N TRP C 36 0.69 33.45 -19.35
CA TRP C 36 1.60 32.34 -19.63
C TRP C 36 2.47 32.15 -18.39
N VAL C 37 2.64 30.89 -18.02
CA VAL C 37 3.40 30.49 -16.83
C VAL C 37 4.28 29.32 -17.26
N ARG C 38 5.54 29.31 -16.86
CA ARG C 38 6.40 28.20 -17.28
C ARG C 38 6.97 27.44 -16.08
N GLN C 39 7.45 26.23 -16.35
CA GLN C 39 8.03 25.39 -15.30
C GLN C 39 9.29 24.75 -15.87
N ALA C 40 10.44 25.25 -15.42
CA ALA C 40 11.74 24.73 -15.86
C ALA C 40 11.93 23.34 -15.25
N PRO C 41 12.79 22.51 -15.87
CA PRO C 41 13.06 21.13 -15.46
C PRO C 41 13.05 20.90 -13.95
N GLY C 42 12.11 20.07 -13.49
CA GLY C 42 12.01 19.71 -12.08
C GLY C 42 11.92 20.88 -11.10
N LYS C 43 11.41 22.04 -11.54
CA LYS C 43 11.33 23.24 -10.69
C LYS C 43 9.86 23.66 -10.60
N GLY C 44 9.63 24.81 -9.99
CA GLY C 44 8.31 25.32 -9.74
C GLY C 44 7.79 26.26 -10.82
N LEU C 45 6.64 26.87 -10.56
CA LEU C 45 6.02 27.77 -11.51
C LEU C 45 6.58 29.18 -11.49
N GLU C 46 6.75 29.74 -12.69
CA GLU C 46 7.17 31.13 -12.87
C GLU C 46 6.34 31.83 -13.94
N TRP C 47 5.81 32.99 -13.59
CA TRP C 47 5.00 33.77 -14.53
C TRP C 47 5.86 34.35 -15.66
N VAL C 48 5.33 34.31 -16.87
CA VAL C 48 6.07 34.74 -18.06
C VAL C 48 5.50 36.01 -18.70
N SER C 49 4.19 36.03 -18.93
CA SER C 49 3.59 37.12 -19.69
C SER C 49 2.09 37.15 -19.49
N SER C 50 1.48 38.30 -19.74
CA SER C 50 0.02 38.37 -19.71
C SER C 50 -0.47 39.38 -20.73
N ILE C 51 -1.71 39.19 -21.18
CA ILE C 51 -2.31 40.13 -22.10
C ILE C 51 -3.77 40.32 -21.70
N ASN C 52 -4.23 41.56 -21.69
CA ASN C 52 -5.62 41.80 -21.32
C ASN C 52 -6.57 41.63 -22.51
N SER C 53 -7.85 41.81 -22.23
CA SER C 53 -8.90 41.48 -23.20
C SER C 53 -8.74 42.22 -24.53
N ASP C 54 -8.38 43.49 -24.49
CA ASP C 54 -8.26 44.25 -25.72
C ASP C 54 -6.82 44.55 -26.17
N SER C 55 -5.86 43.83 -25.58
CA SER C 55 -4.45 43.90 -25.98
C SER C 55 -3.73 45.21 -25.67
N THR C 56 -4.36 46.08 -24.90
CA THR C 56 -3.73 47.36 -24.53
C THR C 56 -2.72 47.21 -23.39
N TYR C 57 -2.89 46.17 -22.57
CA TYR C 57 -1.98 45.90 -21.48
C TYR C 57 -1.26 44.57 -21.69
N LYS C 58 0.00 44.64 -22.09
CA LYS C 58 0.81 43.45 -22.24
C LYS C 58 1.93 43.53 -21.23
N TYR C 59 2.09 42.48 -20.44
CA TYR C 59 3.11 42.50 -19.39
C TYR C 59 4.05 41.33 -19.55
N TYR C 60 5.30 41.52 -19.14
CA TYR C 60 6.34 40.49 -19.30
C TYR C 60 7.21 40.40 -18.08
N ALA C 61 7.65 39.19 -17.75
CA ALA C 61 8.62 39.00 -16.69
C ALA C 61 9.93 39.64 -17.14
N ASP C 62 10.70 40.17 -16.19
CA ASP C 62 11.96 40.83 -16.55
C ASP C 62 12.88 39.93 -17.37
N SER C 63 12.86 38.64 -17.08
CA SER C 63 13.74 37.68 -17.73
C SER C 63 13.46 37.50 -19.22
N VAL C 64 12.26 37.89 -19.66
CA VAL C 64 11.92 37.73 -21.07
C VAL C 64 11.61 39.05 -21.77
N LYS C 65 11.70 40.15 -21.02
CA LYS C 65 11.37 41.47 -21.56
C LYS C 65 12.18 41.77 -22.81
N GLY C 66 11.52 42.24 -23.86
CA GLY C 66 12.19 42.61 -25.09
C GLY C 66 12.49 41.46 -26.03
N ARG C 67 12.26 40.24 -25.55
CA ARG C 67 12.53 39.04 -26.33
C ARG C 67 11.24 38.32 -26.71
N PHE C 68 10.25 38.39 -25.81
CA PHE C 68 8.96 37.74 -26.04
C PHE C 68 7.91 38.79 -26.37
N THR C 69 6.96 38.42 -27.21
CA THR C 69 5.84 39.29 -27.52
C THR C 69 4.55 38.48 -27.49
N ILE C 70 3.60 38.95 -26.69
CA ILE C 70 2.31 38.29 -26.56
C ILE C 70 1.27 38.97 -27.45
N SER C 71 0.34 38.20 -28.00
CA SER C 71 -0.72 38.74 -28.84
C SER C 71 -1.93 37.81 -28.79
N ARG C 72 -3.06 38.27 -29.33
CA ARG C 72 -4.24 37.41 -29.36
C ARG C 72 -5.07 37.62 -30.62
N ASP C 73 -5.85 36.61 -30.97
CA ASP C 73 -6.74 36.70 -32.13
C ASP C 73 -8.12 36.13 -31.81
N ASN C 74 -9.13 36.99 -31.85
CA ASN C 74 -10.50 36.56 -31.57
C ASN C 74 -11.05 35.52 -32.53
N ALA C 75 -10.80 35.72 -33.82
CA ALA C 75 -11.32 34.81 -34.85
C ALA C 75 -10.79 33.39 -34.65
N GLU C 76 -9.59 33.28 -34.10
CA GLU C 76 -8.98 31.97 -33.89
C GLU C 76 -9.21 31.49 -32.46
N ASN C 77 -9.79 32.35 -31.63
CA ASN C 77 -10.01 32.05 -30.22
C ASN C 77 -8.70 31.56 -29.57
N SER C 78 -7.63 32.30 -29.84
CA SER C 78 -6.29 31.86 -29.47
C SER C 78 -5.42 33.01 -28.97
N ILE C 79 -4.46 32.66 -28.12
CA ILE C 79 -3.44 33.59 -27.64
C ILE C 79 -2.10 33.11 -28.19
N PHE C 80 -1.19 34.03 -28.52
CA PHE C 80 0.11 33.64 -29.07
C PHE C 80 1.26 34.24 -28.27
N LEU C 81 2.35 33.49 -28.19
CA LEU C 81 3.55 34.00 -27.56
C LEU C 81 4.71 33.79 -28.51
N GLN C 82 5.19 34.89 -29.08
CA GLN C 82 6.32 34.87 -30.00
C GLN C 82 7.57 34.99 -29.16
N MET C 83 8.44 33.99 -29.24
CA MET C 83 9.64 34.00 -28.43
C MET C 83 10.86 34.15 -29.33
N ASN C 84 11.56 35.26 -29.20
CA ASN C 84 12.76 35.52 -29.98
C ASN C 84 14.00 35.47 -29.10
N SER C 85 15.17 35.33 -29.73
CA SER C 85 16.44 35.35 -29.01
C SER C 85 16.41 34.39 -27.83
N LEU C 86 15.98 33.16 -28.10
CA LEU C 86 15.80 32.18 -27.05
C LEU C 86 17.11 31.84 -26.34
N ARG C 87 17.01 31.60 -25.05
CA ARG C 87 18.15 31.30 -24.20
C ARG C 87 18.01 29.91 -23.66
N ALA C 88 19.13 29.27 -23.34
CA ALA C 88 19.11 27.96 -22.73
C ALA C 88 18.12 27.85 -21.56
N GLU C 89 18.09 28.86 -20.71
CA GLU C 89 17.25 28.81 -19.51
C GLU C 89 15.79 29.13 -19.80
N ASP C 90 15.45 29.37 -21.06
CA ASP C 90 14.03 29.41 -21.46
C ASP C 90 13.43 28.01 -21.60
N THR C 91 14.28 26.99 -21.51
CA THR C 91 13.82 25.60 -21.55
C THR C 91 12.84 25.34 -20.40
N ALA C 92 11.62 24.89 -20.73
CA ALA C 92 10.56 24.75 -19.74
C ALA C 92 9.33 24.20 -20.40
N VAL C 93 8.40 23.72 -19.58
CA VAL C 93 7.05 23.48 -20.05
C VAL C 93 6.30 24.79 -19.94
N TYR C 94 5.65 25.20 -21.02
CA TYR C 94 4.89 26.47 -21.03
C TYR C 94 3.41 26.21 -20.91
N TYR C 95 2.77 26.83 -19.93
CA TYR C 95 1.32 26.73 -19.73
C TYR C 95 0.65 28.05 -20.06
N CYS C 96 -0.56 27.93 -20.59
CA CYS C 96 -1.44 29.05 -20.85
C CYS C 96 -2.57 28.93 -19.82
N ALA C 97 -3.04 30.04 -19.28
CA ALA C 97 -4.13 29.98 -18.31
C ALA C 97 -5.07 31.15 -18.46
N ARG C 98 -6.36 30.85 -18.41
CA ARG C 98 -7.39 31.87 -18.50
C ARG C 98 -7.65 32.41 -17.09
N ASP C 99 -7.63 33.74 -16.94
CA ASP C 99 -8.02 34.37 -15.67
C ASP C 99 -9.48 34.78 -15.86
N ARG C 100 -10.38 34.30 -15.00
CA ARG C 100 -11.79 34.59 -15.21
C ARG C 100 -12.25 35.97 -14.66
N SER C 101 -11.31 36.74 -14.11
CA SER C 101 -11.61 38.05 -13.53
C SER C 101 -11.94 39.10 -14.58
N TYR C 102 -12.62 40.16 -14.16
CA TYR C 102 -12.72 41.34 -15.01
C TYR C 102 -11.62 42.32 -14.64
N TYR C 103 -10.81 42.69 -15.63
CA TYR C 103 -9.82 43.74 -15.45
C TYR C 103 -10.26 44.99 -16.19
N ALA C 104 -10.25 46.11 -15.49
CA ALA C 104 -10.65 47.39 -16.09
C ALA C 104 -9.48 48.03 -16.85
N PHE C 105 -9.77 49.08 -17.60
CA PHE C 105 -8.73 49.72 -18.40
C PHE C 105 -8.09 50.90 -17.68
N GLY C 108 -5.65 47.01 -14.64
CA GLY C 108 -4.42 46.58 -15.31
C GLY C 108 -3.38 46.02 -14.36
N SER C 109 -3.64 44.80 -13.89
CA SER C 109 -2.87 44.01 -12.90
C SER C 109 -3.69 43.68 -11.65
N LEU C 110 -4.70 44.49 -11.36
CA LEU C 110 -5.49 44.27 -10.16
C LEU C 110 -6.99 44.35 -10.47
N SER C 111 -7.70 43.26 -10.20
CA SER C 111 -9.15 43.21 -10.43
C SER C 111 -9.94 43.39 -9.14
N ASP C 112 -11.00 44.20 -9.21
CA ASP C 112 -11.99 44.28 -8.14
C ASP C 112 -13.04 43.17 -8.23
N TYR C 113 -12.92 42.31 -9.24
CA TYR C 113 -13.91 41.28 -9.49
C TYR C 113 -13.14 39.99 -9.76
N TYR C 114 -12.27 39.67 -8.82
CA TYR C 114 -11.27 38.61 -9.04
C TYR C 114 -11.87 37.20 -8.92
N TYR C 115 -11.41 36.31 -9.79
CA TYR C 115 -11.66 34.89 -9.62
C TYR C 115 -10.36 34.08 -9.68
N GLY C 116 -9.55 34.31 -10.70
CA GLY C 116 -8.26 33.65 -10.75
C GLY C 116 -8.07 32.75 -11.94
N LEU C 117 -6.94 32.03 -11.97
CA LEU C 117 -6.57 31.25 -13.15
C LEU C 117 -7.22 29.89 -13.09
N ASP C 118 -8.44 29.80 -13.62
CA ASP C 118 -9.24 28.60 -13.41
C ASP C 118 -9.19 27.54 -14.50
N VAL C 119 -8.61 27.89 -15.65
CA VAL C 119 -8.43 26.93 -16.74
C VAL C 119 -7.02 27.03 -17.26
N TRP C 120 -6.26 25.95 -17.05
CA TRP C 120 -4.88 25.84 -17.52
C TRP C 120 -4.79 24.71 -18.54
N GLY C 121 -3.80 24.78 -19.43
CA GLY C 121 -3.56 23.68 -20.35
C GLY C 121 -2.62 22.61 -19.80
N GLN C 122 -2.41 21.56 -20.60
CA GLN C 122 -1.50 20.48 -20.22
C GLN C 122 -0.03 20.88 -20.36
N GLY C 123 0.22 21.94 -21.13
CA GLY C 123 1.57 22.47 -21.26
C GLY C 123 2.26 22.01 -22.53
N THR C 124 3.19 22.82 -23.05
CA THR C 124 3.98 22.48 -24.23
C THR C 124 5.45 22.65 -23.87
N LEU C 125 6.28 21.65 -24.20
CA LEU C 125 7.69 21.70 -23.83
C LEU C 125 8.54 22.43 -24.86
N VAL C 126 9.30 23.43 -24.39
CA VAL C 126 10.26 24.13 -25.24
C VAL C 126 11.65 23.75 -24.78
N THR C 127 12.48 23.29 -25.72
CA THR C 127 13.83 22.89 -25.38
C THR C 127 14.78 23.75 -26.19
N VAL C 128 15.66 24.47 -25.49
CA VAL C 128 16.61 25.35 -26.18
C VAL C 128 17.99 24.75 -25.98
N SER C 129 18.57 24.25 -27.06
CA SER C 129 19.81 23.52 -26.96
C SER C 129 20.50 23.44 -28.31
N SER C 130 21.82 23.32 -28.30
CA SER C 130 22.58 23.18 -29.54
C SER C 130 22.66 21.72 -29.99
N ALA C 131 22.23 20.81 -29.11
CA ALA C 131 22.26 19.38 -29.41
C ALA C 131 21.27 19.01 -30.52
N SER C 132 21.59 17.97 -31.29
CA SER C 132 20.74 17.56 -32.40
C SER C 132 19.62 16.60 -31.98
N THR C 133 18.50 16.65 -32.71
CA THR C 133 17.43 15.67 -32.53
C THR C 133 17.94 14.26 -32.79
N LYS C 134 17.50 13.31 -31.97
CA LYS C 134 17.85 11.90 -32.15
C LYS C 134 16.72 11.00 -31.67
N GLY C 135 16.28 10.09 -32.53
CA GLY C 135 15.22 9.15 -32.16
C GLY C 135 15.78 8.01 -31.31
N PRO C 136 14.91 7.41 -30.48
CA PRO C 136 15.37 6.39 -29.54
C PRO C 136 15.56 5.03 -30.19
N SER C 137 16.42 4.22 -29.58
CA SER C 137 16.44 2.80 -29.83
C SER C 137 15.57 2.16 -28.76
N VAL C 138 14.87 1.10 -29.12
CA VAL C 138 13.97 0.44 -28.17
C VAL C 138 14.36 -1.02 -28.00
N PHE C 139 14.62 -1.41 -26.76
CA PHE C 139 15.05 -2.77 -26.48
C PHE C 139 14.07 -3.48 -25.56
N PRO C 140 13.87 -4.77 -25.77
CA PRO C 140 12.94 -5.47 -24.87
C PRO C 140 13.60 -5.80 -23.54
N LEU C 141 12.78 -5.79 -22.49
CA LEU C 141 13.16 -6.33 -21.19
C LEU C 141 12.30 -7.58 -21.01
N ALA C 142 12.86 -8.72 -21.40
CA ALA C 142 12.09 -9.95 -21.49
C ALA C 142 11.78 -10.52 -20.11
N PRO C 143 10.59 -11.11 -19.95
CA PRO C 143 10.27 -11.76 -18.68
C PRO C 143 11.25 -12.91 -18.44
N SER C 144 11.67 -13.10 -17.18
CA SER C 144 12.67 -14.12 -16.85
C SER C 144 12.20 -15.53 -17.22
N GLY C 151 2.60 -17.56 -11.17
CA GLY C 151 3.03 -16.32 -10.53
C GLY C 151 2.92 -15.10 -11.44
N THR C 152 3.66 -14.05 -11.07
CA THR C 152 3.64 -12.78 -11.79
C THR C 152 4.96 -12.52 -12.49
N ALA C 153 4.89 -12.08 -13.75
CA ALA C 153 6.09 -11.78 -14.50
C ALA C 153 6.19 -10.28 -14.76
N ALA C 154 7.41 -9.77 -14.72
CA ALA C 154 7.64 -8.37 -15.08
C ALA C 154 8.30 -8.34 -16.43
N LEU C 155 7.84 -7.42 -17.28
CA LEU C 155 8.48 -7.22 -18.57
C LEU C 155 8.45 -5.75 -18.91
N GLY C 156 9.18 -5.36 -19.95
CA GLY C 156 9.22 -3.96 -20.29
C GLY C 156 9.96 -3.66 -21.55
N CYS C 157 10.18 -2.36 -21.76
CA CYS C 157 10.94 -1.87 -22.89
C CYS C 157 11.88 -0.78 -22.40
N LEU C 158 13.13 -0.86 -22.84
CA LEU C 158 14.12 0.17 -22.55
C LEU C 158 14.15 1.12 -23.75
N VAL C 159 13.92 2.39 -23.49
CA VAL C 159 13.84 3.39 -24.55
C VAL C 159 15.06 4.28 -24.41
N LYS C 160 16.05 4.04 -25.26
CA LYS C 160 17.40 4.53 -24.99
C LYS C 160 17.89 5.52 -26.03
N ASP C 161 18.61 6.53 -25.56
CA ASP C 161 19.41 7.43 -26.41
C ASP C 161 18.59 8.30 -27.35
N TYR C 162 17.75 9.16 -26.79
CA TYR C 162 16.95 10.05 -27.62
C TYR C 162 17.10 11.49 -27.13
N PHE C 163 16.80 12.44 -28.03
CA PHE C 163 16.78 13.86 -27.68
C PHE C 163 15.91 14.59 -28.71
N PRO C 164 15.11 15.58 -28.28
CA PRO C 164 14.85 16.00 -26.89
C PRO C 164 13.71 15.16 -26.32
N GLU C 165 13.28 15.51 -25.12
CA GLU C 165 12.01 15.00 -24.58
C GLU C 165 10.88 15.59 -25.43
N PRO C 166 9.69 14.97 -25.40
CA PRO C 166 9.33 13.74 -24.69
C PRO C 166 9.15 12.55 -25.63
N VAL C 167 9.05 11.36 -25.04
CA VAL C 167 8.54 10.21 -25.77
C VAL C 167 7.26 9.79 -25.09
N THR C 168 6.40 9.10 -25.83
CA THR C 168 5.24 8.47 -25.20
C THR C 168 5.36 6.97 -25.36
N VAL C 169 4.97 6.24 -24.32
CA VAL C 169 4.97 4.79 -24.37
C VAL C 169 3.59 4.29 -24.01
N SER C 170 3.06 3.39 -24.84
CA SER C 170 1.84 2.67 -24.49
C SER C 170 2.08 1.18 -24.65
N TRP C 171 1.14 0.38 -24.19
CA TRP C 171 1.25 -1.06 -24.29
C TRP C 171 0.03 -1.63 -24.99
N ASN C 172 0.28 -2.51 -25.97
CA ASN C 172 -0.79 -3.12 -26.75
C ASN C 172 -1.81 -2.10 -27.26
N SER C 173 -1.31 -1.00 -27.80
CA SER C 173 -2.15 0.08 -28.33
C SER C 173 -3.09 0.69 -27.32
N GLY C 174 -2.67 0.69 -26.05
CA GLY C 174 -3.45 1.28 -24.99
C GLY C 174 -4.39 0.30 -24.32
N ALA C 175 -4.42 -0.92 -24.82
CA ALA C 175 -5.30 -1.95 -24.27
C ALA C 175 -4.80 -2.40 -22.91
N LEU C 176 -3.49 -2.28 -22.69
CA LEU C 176 -2.88 -2.68 -21.43
C LEU C 176 -2.44 -1.44 -20.66
N THR C 177 -3.08 -1.17 -19.52
CA THR C 177 -2.76 -0.01 -18.70
C THR C 177 -2.51 -0.38 -17.24
N SER C 178 -3.18 -1.43 -16.78
CA SER C 178 -3.03 -1.87 -15.40
C SER C 178 -1.64 -2.46 -15.18
N GLY C 179 -0.96 -1.96 -14.16
CA GLY C 179 0.36 -2.48 -13.83
C GLY C 179 1.48 -1.81 -14.59
N VAL C 180 1.15 -0.81 -15.41
CA VAL C 180 2.17 -0.10 -16.19
C VAL C 180 2.87 1.00 -15.38
N HIS C 181 4.19 0.99 -15.42
CA HIS C 181 4.97 2.10 -14.87
C HIS C 181 5.93 2.57 -15.93
N THR C 182 5.75 3.82 -16.37
CA THR C 182 6.70 4.44 -17.29
C THR C 182 7.54 5.46 -16.50
N PHE C 183 8.83 5.16 -16.39
CA PHE C 183 9.71 5.96 -15.54
C PHE C 183 10.04 7.30 -16.18
N PRO C 184 10.26 8.30 -15.33
CA PRO C 184 10.75 9.60 -15.80
C PRO C 184 12.06 9.42 -16.53
N ALA C 185 12.25 10.16 -17.62
CA ALA C 185 13.48 10.05 -18.39
C ALA C 185 14.64 10.59 -17.58
N VAL C 186 15.79 9.97 -17.75
CA VAL C 186 17.01 10.41 -17.09
C VAL C 186 18.04 10.80 -18.14
N LEU C 187 18.69 11.95 -17.94
CA LEU C 187 19.71 12.41 -18.85
C LEU C 187 21.00 11.67 -18.57
N GLN C 188 21.53 10.98 -19.57
CA GLN C 188 22.77 10.23 -19.42
C GLN C 188 23.97 11.16 -19.63
N SER C 189 25.16 10.65 -19.35
CA SER C 189 26.41 11.41 -19.50
C SER C 189 26.56 11.96 -20.91
N SER C 190 26.04 11.21 -21.88
CA SER C 190 26.12 11.55 -23.29
C SER C 190 25.27 12.76 -23.68
N GLY C 191 24.34 13.14 -22.81
CA GLY C 191 23.43 14.22 -23.10
C GLY C 191 22.20 13.71 -23.84
N LEU C 192 22.04 12.39 -23.85
CA LEU C 192 20.85 11.77 -24.40
C LEU C 192 19.98 11.23 -23.28
N TYR C 193 18.67 11.22 -23.50
CA TYR C 193 17.73 10.66 -22.53
C TYR C 193 17.55 9.17 -22.66
N SER C 194 17.17 8.53 -21.56
CA SER C 194 16.83 7.12 -21.56
C SER C 194 15.75 6.88 -20.52
N LEU C 195 14.83 5.97 -20.79
CA LEU C 195 13.88 5.55 -19.75
C LEU C 195 13.47 4.12 -19.98
N SER C 196 12.82 3.53 -18.98
CA SER C 196 12.18 2.24 -19.20
C SER C 196 10.70 2.35 -18.90
N SER C 197 9.92 1.50 -19.57
CA SER C 197 8.52 1.31 -19.22
C SER C 197 8.35 -0.16 -18.89
N VAL C 198 7.71 -0.45 -17.78
CA VAL C 198 7.56 -1.84 -17.33
C VAL C 198 6.10 -2.16 -17.06
N VAL C 199 5.76 -3.44 -17.11
CA VAL C 199 4.43 -3.85 -16.71
C VAL C 199 4.52 -5.23 -16.08
N THR C 200 3.67 -5.51 -15.09
CA THR C 200 3.61 -6.87 -14.55
C THR C 200 2.41 -7.59 -15.13
N VAL C 201 2.60 -8.87 -15.46
CA VAL C 201 1.55 -9.67 -16.12
C VAL C 201 1.55 -11.09 -15.57
N PRO C 202 0.46 -11.85 -15.82
CA PRO C 202 0.49 -13.22 -15.31
C PRO C 202 1.50 -14.08 -16.05
N SER C 203 2.31 -14.85 -15.31
CA SER C 203 3.26 -15.77 -15.92
C SER C 203 2.58 -16.75 -16.88
N SER C 204 1.35 -17.13 -16.55
CA SER C 204 0.62 -18.11 -17.33
C SER C 204 0.12 -17.53 -18.66
N SER C 205 0.18 -16.21 -18.79
CA SER C 205 -0.29 -15.54 -20.00
C SER C 205 0.79 -15.48 -21.08
N LEU C 206 2.04 -15.69 -20.68
CA LEU C 206 3.19 -15.48 -21.55
C LEU C 206 3.18 -16.32 -22.82
N GLY C 207 2.51 -17.47 -22.75
CA GLY C 207 2.44 -18.37 -23.87
C GLY C 207 1.33 -18.05 -24.84
N THR C 208 0.37 -17.23 -24.39
CA THR C 208 -0.84 -16.98 -25.18
C THR C 208 -1.19 -15.50 -25.36
N GLN C 209 -0.51 -14.64 -24.62
CA GLN C 209 -0.71 -13.19 -24.74
C GLN C 209 0.49 -12.56 -25.40
N THR C 210 0.24 -11.64 -26.33
CA THR C 210 1.30 -10.87 -26.94
C THR C 210 1.48 -9.55 -26.17
N TYR C 211 2.72 -9.15 -25.94
CA TYR C 211 3.01 -7.85 -25.33
C TYR C 211 3.90 -7.01 -26.23
N ILE C 212 3.38 -5.86 -26.66
CA ILE C 212 4.07 -4.97 -27.58
C ILE C 212 4.07 -3.59 -26.96
N CYS C 213 5.26 -2.99 -26.84
CA CYS C 213 5.29 -1.62 -26.37
C CYS C 213 5.32 -0.69 -27.58
N ASN C 214 4.51 0.36 -27.53
CA ASN C 214 4.41 1.30 -28.63
C ASN C 214 5.10 2.58 -28.20
N VAL C 215 6.18 2.94 -28.89
CA VAL C 215 6.97 4.10 -28.52
C VAL C 215 6.86 5.16 -29.58
N ASN C 216 6.60 6.39 -29.16
CA ASN C 216 6.47 7.49 -30.11
C ASN C 216 7.38 8.64 -29.69
N HIS C 217 8.22 9.09 -30.63
CA HIS C 217 9.08 10.24 -30.35
C HIS C 217 8.82 11.28 -31.43
N LYS C 218 7.79 12.08 -31.18
CA LYS C 218 7.36 13.13 -32.09
C LYS C 218 8.48 14.03 -32.64
N PRO C 219 9.39 14.51 -31.77
CA PRO C 219 10.43 15.42 -32.27
C PRO C 219 11.25 14.88 -33.44
N SER C 220 11.40 13.56 -33.55
CA SER C 220 12.17 12.99 -34.64
C SER C 220 11.30 12.18 -35.57
N ASN C 221 9.99 12.29 -35.40
CA ASN C 221 9.03 11.57 -36.23
C ASN C 221 9.32 10.08 -36.25
N THR C 222 9.80 9.53 -35.14
CA THR C 222 10.01 8.09 -35.05
C THR C 222 8.90 7.44 -34.25
N LYS C 223 8.45 6.30 -34.75
CA LYS C 223 7.42 5.53 -34.10
C LYS C 223 7.84 4.08 -34.21
N VAL C 224 7.99 3.42 -33.07
CA VAL C 224 8.55 2.09 -33.00
C VAL C 224 7.64 1.20 -32.18
N ASP C 225 7.40 -0.01 -32.64
CA ASP C 225 6.74 -1.03 -31.82
C ASP C 225 7.74 -2.16 -31.56
N LYS C 226 7.74 -2.71 -30.35
CA LYS C 226 8.68 -3.78 -30.02
C LYS C 226 7.97 -4.90 -29.30
N LYS C 227 8.14 -6.12 -29.81
CA LYS C 227 7.53 -7.28 -29.19
C LYS C 227 8.41 -7.75 -28.05
N VAL C 228 7.81 -7.97 -26.89
CA VAL C 228 8.55 -8.43 -25.73
C VAL C 228 8.14 -9.85 -25.39
N GLU C 229 9.06 -10.79 -25.58
CA GLU C 229 8.74 -12.21 -25.40
C GLU C 229 9.79 -12.95 -24.57
N PRO C 230 9.39 -14.07 -23.95
CA PRO C 230 10.34 -14.90 -23.22
C PRO C 230 11.10 -15.85 -24.14
N GLU D 2 -29.91 -16.41 16.59
CA GLU D 2 -29.60 -17.68 15.91
C GLU D 2 -28.24 -17.63 15.22
N GLN D 3 -28.19 -17.32 13.92
CA GLN D 3 -26.89 -17.08 13.30
C GLN D 3 -26.89 -16.00 12.19
N VAL D 4 -25.72 -15.42 11.95
CA VAL D 4 -25.58 -14.49 10.82
C VAL D 4 -24.40 -14.96 9.97
N LEU D 5 -24.49 -14.69 8.68
CA LEU D 5 -23.46 -15.11 7.73
C LEU D 5 -23.01 -13.97 6.83
N GLU D 6 -21.73 -13.61 6.92
CA GLU D 6 -21.15 -12.59 6.06
C GLU D 6 -20.68 -13.20 4.74
N SER D 7 -20.81 -12.42 3.67
CA SER D 7 -20.31 -12.85 2.38
C SER D 7 -19.78 -11.66 1.60
N GLY D 8 -19.10 -11.93 0.49
CA GLY D 8 -18.71 -10.86 -0.42
C GLY D 8 -17.25 -10.45 -0.34
N GLY D 9 -16.54 -11.00 0.64
CA GLY D 9 -15.13 -10.71 0.81
C GLY D 9 -14.28 -11.30 -0.29
N GLY D 10 -13.02 -10.90 -0.31
CA GLY D 10 -12.11 -11.39 -1.33
C GLY D 10 -11.01 -10.38 -1.56
N LEU D 11 -10.27 -10.61 -2.64
CA LEU D 11 -9.15 -9.78 -3.05
C LEU D 11 -9.65 -8.65 -3.96
N VAL D 12 -9.23 -7.43 -3.65
CA VAL D 12 -9.63 -6.27 -4.43
C VAL D 12 -8.43 -5.32 -4.58
N LYS D 13 -8.31 -4.65 -5.72
CA LYS D 13 -7.21 -3.72 -5.93
C LYS D 13 -7.42 -2.40 -5.19
N PRO D 14 -6.33 -1.75 -4.76
CA PRO D 14 -6.46 -0.43 -4.14
C PRO D 14 -7.23 0.54 -5.02
N GLY D 15 -8.10 1.33 -4.40
CA GLY D 15 -8.94 2.27 -5.10
C GLY D 15 -10.25 1.63 -5.51
N GLY D 16 -10.30 0.30 -5.40
CA GLY D 16 -11.46 -0.46 -5.81
C GLY D 16 -12.58 -0.47 -4.80
N SER D 17 -13.64 -1.18 -5.17
CA SER D 17 -14.87 -1.22 -4.40
C SER D 17 -15.25 -2.67 -4.17
N LEU D 18 -15.98 -2.90 -3.07
CA LEU D 18 -16.42 -4.23 -2.71
C LEU D 18 -17.70 -4.08 -1.89
N ARG D 19 -18.68 -4.95 -2.13
CA ARG D 19 -19.92 -4.92 -1.35
C ARG D 19 -19.99 -6.17 -0.50
N LEU D 20 -20.05 -5.99 0.82
CA LEU D 20 -20.22 -7.12 1.72
C LEU D 20 -21.69 -7.26 2.06
N SER D 21 -22.10 -8.48 2.39
CA SER D 21 -23.49 -8.71 2.80
C SER D 21 -23.50 -9.53 4.07
N CYS D 22 -24.58 -9.42 4.83
CA CYS D 22 -24.72 -10.18 6.05
C CYS D 22 -26.17 -10.63 6.12
N ALA D 23 -26.37 -11.95 6.18
CA ALA D 23 -27.72 -12.49 6.18
C ALA D 23 -28.02 -13.17 7.50
N ALA D 24 -29.22 -12.94 8.00
CA ALA D 24 -29.67 -13.60 9.23
C ALA D 24 -30.38 -14.91 8.90
N SER D 25 -30.21 -15.90 9.74
CA SER D 25 -31.02 -17.11 9.64
C SER D 25 -31.51 -17.49 11.03
N GLY D 26 -32.78 -17.87 11.13
CA GLY D 26 -33.34 -18.26 12.41
C GLY D 26 -34.05 -17.14 13.16
N PHE D 27 -33.92 -15.92 12.65
CA PHE D 27 -34.56 -14.75 13.26
C PHE D 27 -34.61 -13.63 12.22
N THR D 28 -35.38 -12.60 12.51
CA THR D 28 -35.46 -11.43 11.62
C THR D 28 -34.58 -10.29 12.10
N PHE D 29 -33.83 -9.69 11.18
CA PHE D 29 -33.02 -8.51 11.49
C PHE D 29 -33.87 -7.29 11.79
N SER D 30 -35.10 -7.27 11.28
CA SER D 30 -35.96 -6.08 11.31
C SER D 30 -35.97 -5.18 12.57
N PRO D 31 -36.06 -5.77 13.78
CA PRO D 31 -36.14 -4.92 14.97
C PRO D 31 -34.81 -4.33 15.43
N TYR D 32 -33.71 -4.75 14.83
CA TYR D 32 -32.41 -4.50 15.45
C TYR D 32 -31.45 -3.61 14.67
N SER D 33 -30.64 -2.87 15.40
CA SER D 33 -29.44 -2.28 14.82
C SER D 33 -28.40 -3.37 14.56
N VAL D 34 -27.62 -3.21 13.50
CA VAL D 34 -26.57 -4.17 13.20
C VAL D 34 -25.27 -3.40 13.07
N PHE D 35 -24.18 -4.01 13.53
CA PHE D 35 -22.89 -3.35 13.62
C PHE D 35 -21.87 -4.15 12.81
N TRP D 36 -20.96 -3.44 12.14
CA TRP D 36 -19.83 -4.11 11.51
C TRP D 36 -18.56 -3.79 12.30
N VAL D 37 -17.75 -4.81 12.56
CA VAL D 37 -16.53 -4.68 13.33
C VAL D 37 -15.45 -5.41 12.54
N ARG D 38 -14.28 -4.82 12.38
CA ARG D 38 -13.24 -5.51 11.61
C ARG D 38 -12.02 -5.83 12.46
N GLN D 39 -11.26 -6.79 11.98
CA GLN D 39 -10.03 -7.17 12.66
C GLN D 39 -8.91 -7.39 11.64
N ALA D 40 -7.93 -6.50 11.64
CA ALA D 40 -6.78 -6.65 10.77
C ALA D 40 -5.94 -7.82 11.27
N PRO D 41 -5.19 -8.47 10.36
CA PRO D 41 -4.43 -9.65 10.79
C PRO D 41 -3.52 -9.38 11.98
N GLY D 42 -3.69 -10.16 13.03
CA GLY D 42 -2.87 -10.08 14.22
C GLY D 42 -3.21 -8.92 15.14
N LYS D 43 -4.30 -8.21 14.84
CA LYS D 43 -4.63 -7.00 15.58
C LYS D 43 -5.92 -7.17 16.39
N GLY D 44 -6.39 -6.07 16.96
CA GLY D 44 -7.57 -6.11 17.79
C GLY D 44 -8.83 -5.81 16.99
N LEU D 45 -9.90 -5.48 17.70
CA LEU D 45 -11.21 -5.21 17.07
C LEU D 45 -11.43 -3.72 16.85
N GLU D 46 -11.92 -3.35 15.68
CA GLU D 46 -12.20 -1.95 15.36
C GLU D 46 -13.62 -1.84 14.84
N TRP D 47 -14.45 -1.05 15.50
CA TRP D 47 -15.80 -0.81 14.99
C TRP D 47 -15.73 0.00 13.70
N VAL D 48 -16.55 -0.39 12.72
CA VAL D 48 -16.58 0.20 11.38
C VAL D 48 -17.86 1.01 11.10
N SER D 49 -19.02 0.42 11.34
CA SER D 49 -20.27 1.05 10.90
C SER D 49 -21.46 0.42 11.61
N SER D 50 -22.56 1.15 11.67
CA SER D 50 -23.79 0.57 12.22
C SER D 50 -24.98 1.17 11.51
N ILE D 51 -26.09 0.45 11.51
CA ILE D 51 -27.32 0.99 10.92
C ILE D 51 -28.49 0.63 11.82
N ASN D 52 -29.40 1.58 12.04
CA ASN D 52 -30.55 1.24 12.88
C ASN D 52 -31.65 0.48 12.12
N SER D 53 -32.67 0.09 12.87
CA SER D 53 -33.66 -0.84 12.37
C SER D 53 -34.37 -0.32 11.13
N ASP D 54 -34.64 0.99 11.08
CA ASP D 54 -35.39 1.53 9.96
C ASP D 54 -34.58 2.36 8.97
N SER D 55 -33.26 2.23 9.07
CA SER D 55 -32.30 2.91 8.17
C SER D 55 -32.35 4.42 8.23
N THR D 56 -32.84 4.97 9.33
CA THR D 56 -32.93 6.43 9.45
C THR D 56 -31.69 7.01 10.11
N TYR D 57 -30.85 6.15 10.68
CA TYR D 57 -29.60 6.61 11.26
C TYR D 57 -28.48 5.63 10.98
N LYS D 58 -27.48 6.11 10.25
CA LYS D 58 -26.31 5.33 9.92
C LYS D 58 -25.11 5.98 10.59
N TYR D 59 -24.19 5.16 11.08
CA TYR D 59 -23.00 5.68 11.77
C TYR D 59 -21.76 5.06 11.19
N TYR D 60 -20.67 5.84 11.17
CA TYR D 60 -19.41 5.37 10.59
C TYR D 60 -18.22 5.76 11.43
N ALA D 61 -17.22 4.89 11.48
CA ALA D 61 -15.97 5.28 12.11
C ALA D 61 -15.28 6.31 11.22
N ASP D 62 -14.53 7.23 11.83
CA ASP D 62 -13.77 8.21 11.04
C ASP D 62 -12.86 7.56 10.01
N SER D 63 -12.30 6.40 10.34
CA SER D 63 -11.41 5.70 9.44
C SER D 63 -12.03 5.36 8.08
N VAL D 64 -13.36 5.27 8.03
CA VAL D 64 -14.05 4.87 6.80
C VAL D 64 -15.13 5.85 6.34
N LYS D 65 -15.34 6.93 7.10
CA LYS D 65 -16.37 7.92 6.81
C LYS D 65 -16.17 8.48 5.40
N GLY D 66 -17.24 8.53 4.62
CA GLY D 66 -17.14 9.01 3.25
C GLY D 66 -16.67 8.02 2.19
N ARG D 67 -16.20 6.84 2.61
CA ARG D 67 -15.82 5.80 1.67
C ARG D 67 -16.78 4.59 1.74
N PHE D 68 -17.33 4.36 2.93
CA PHE D 68 -18.22 3.22 3.13
C PHE D 68 -19.67 3.70 3.23
N THR D 69 -20.59 2.86 2.76
CA THR D 69 -22.02 3.14 2.90
C THR D 69 -22.72 1.88 3.37
N ILE D 70 -23.45 2.01 4.47
CA ILE D 70 -24.21 0.88 4.99
C ILE D 70 -25.68 0.99 4.57
N SER D 71 -26.32 -0.16 4.34
CA SER D 71 -27.73 -0.19 4.01
C SER D 71 -28.30 -1.54 4.42
N ARG D 72 -29.60 -1.72 4.26
CA ARG D 72 -30.22 -2.96 4.67
C ARG D 72 -31.50 -3.21 3.91
N ASP D 73 -31.95 -4.46 3.93
CA ASP D 73 -33.20 -4.86 3.30
C ASP D 73 -33.85 -5.79 4.31
N ASN D 74 -34.73 -5.24 5.13
CA ASN D 74 -35.35 -6.01 6.21
C ASN D 74 -36.17 -7.18 5.69
N ALA D 75 -36.88 -6.96 4.59
CA ALA D 75 -37.66 -8.04 3.97
C ALA D 75 -36.78 -9.21 3.51
N GLU D 76 -35.64 -8.91 2.91
CA GLU D 76 -34.69 -9.95 2.50
C GLU D 76 -33.83 -10.45 3.65
N ASN D 77 -33.96 -9.79 4.80
CA ASN D 77 -33.24 -10.19 6.00
C ASN D 77 -31.73 -10.07 5.84
N SER D 78 -31.29 -8.97 5.22
CA SER D 78 -29.87 -8.76 4.95
C SER D 78 -29.40 -7.35 5.25
N ILE D 79 -28.12 -7.23 5.62
CA ILE D 79 -27.42 -5.96 5.80
C ILE D 79 -26.29 -5.89 4.77
N PHE D 80 -26.02 -4.70 4.22
CA PHE D 80 -24.96 -4.53 3.24
C PHE D 80 -23.98 -3.45 3.64
N LEU D 81 -22.71 -3.67 3.31
CA LEU D 81 -21.68 -2.64 3.51
C LEU D 81 -20.99 -2.42 2.19
N GLN D 82 -21.22 -1.25 1.59
CA GLN D 82 -20.57 -0.91 0.33
C GLN D 82 -19.27 -0.20 0.67
N MET D 83 -18.17 -0.75 0.20
CA MET D 83 -16.86 -0.16 0.49
C MET D 83 -16.26 0.38 -0.80
N ASN D 84 -15.89 1.66 -0.79
CA ASN D 84 -15.25 2.29 -1.94
C ASN D 84 -13.88 2.83 -1.58
N SER D 85 -13.11 3.17 -2.62
CA SER D 85 -11.78 3.77 -2.44
C SER D 85 -10.95 3.00 -1.42
N LEU D 86 -10.91 1.69 -1.60
CA LEU D 86 -10.25 0.81 -0.66
C LEU D 86 -8.73 1.00 -0.66
N ARG D 87 -8.12 0.80 0.51
CA ARG D 87 -6.67 0.83 0.58
C ARG D 87 -6.17 -0.31 1.44
N ALA D 88 -4.85 -0.52 1.39
CA ALA D 88 -4.21 -1.65 2.09
C ALA D 88 -4.65 -1.74 3.55
N GLU D 89 -4.78 -0.57 4.18
CA GLU D 89 -5.15 -0.44 5.58
C GLU D 89 -6.53 -1.03 5.91
N ASP D 90 -7.34 -1.25 4.88
CA ASP D 90 -8.69 -1.80 5.05
C ASP D 90 -8.71 -3.34 5.08
N THR D 91 -7.55 -3.96 4.80
CA THR D 91 -7.43 -5.41 4.84
C THR D 91 -7.75 -5.94 6.25
N ALA D 92 -8.72 -6.85 6.32
CA ALA D 92 -9.22 -7.32 7.61
C ALA D 92 -10.27 -8.38 7.41
N VAL D 93 -10.55 -9.11 8.49
CA VAL D 93 -11.79 -9.88 8.56
C VAL D 93 -12.88 -8.92 9.02
N TYR D 94 -13.97 -8.88 8.26
CA TYR D 94 -15.12 -8.06 8.60
C TYR D 94 -16.21 -8.91 9.22
N TYR D 95 -16.57 -8.57 10.46
CA TYR D 95 -17.66 -9.25 11.17
C TYR D 95 -18.93 -8.44 11.18
N CYS D 96 -20.04 -9.14 11.05
CA CYS D 96 -21.39 -8.59 11.21
C CYS D 96 -21.88 -9.04 12.59
N ALA D 97 -22.42 -8.12 13.37
CA ALA D 97 -22.95 -8.49 14.69
C ALA D 97 -24.33 -7.89 14.92
N ARG D 98 -25.24 -8.74 15.35
CA ARG D 98 -26.59 -8.31 15.70
C ARG D 98 -26.60 -7.80 17.14
N ASP D 99 -27.17 -6.63 17.35
CA ASP D 99 -27.35 -6.07 18.69
C ASP D 99 -28.82 -6.30 19.02
N ARG D 100 -29.11 -7.04 20.10
CA ARG D 100 -30.52 -7.37 20.37
C ARG D 100 -31.30 -6.22 21.04
N SER D 101 -30.64 -5.10 21.27
CA SER D 101 -31.22 -4.00 22.07
C SER D 101 -32.31 -3.21 21.34
N TYR D 102 -33.18 -2.52 22.08
CA TYR D 102 -34.04 -1.54 21.46
C TYR D 102 -33.34 -0.18 21.40
N TYR D 103 -33.19 0.38 20.20
CA TYR D 103 -32.66 1.74 20.03
C TYR D 103 -33.73 2.67 19.49
N ALA D 104 -33.93 3.81 20.15
CA ALA D 104 -34.82 4.86 19.63
C ALA D 104 -34.06 5.81 18.67
N PHE D 105 -34.76 6.59 17.84
CA PHE D 105 -34.08 7.43 16.84
C PHE D 105 -33.08 8.42 17.42
N SER D 106 -33.52 9.17 18.42
CA SER D 106 -32.71 10.16 19.15
C SER D 106 -31.34 10.52 18.56
N SER D 109 -27.86 5.94 19.32
CA SER D 109 -26.58 5.47 19.81
C SER D 109 -26.66 4.63 21.09
N LEU D 110 -27.59 4.95 21.97
CA LEU D 110 -27.55 4.44 23.33
C LEU D 110 -28.89 3.83 23.72
N SER D 111 -28.88 2.57 24.12
CA SER D 111 -30.13 1.86 24.39
C SER D 111 -30.49 1.83 25.87
N ASP D 112 -31.78 2.05 26.19
CA ASP D 112 -32.26 1.87 27.57
C ASP D 112 -32.66 0.43 27.87
N TYR D 113 -32.50 -0.45 26.88
CA TYR D 113 -32.83 -1.87 27.03
C TYR D 113 -31.76 -2.64 26.30
N TYR D 114 -30.57 -2.63 26.88
CA TYR D 114 -29.38 -3.07 26.17
C TYR D 114 -29.05 -4.54 26.45
N TYR D 115 -28.77 -5.28 25.38
CA TYR D 115 -28.51 -6.71 25.47
C TYR D 115 -27.16 -7.13 24.84
N GLY D 116 -26.43 -6.17 24.28
CA GLY D 116 -25.11 -6.43 23.77
C GLY D 116 -25.08 -6.94 22.34
N LEU D 117 -23.87 -7.07 21.81
CA LEU D 117 -23.65 -7.63 20.47
C LEU D 117 -23.62 -9.14 20.61
N ASP D 118 -24.80 -9.76 20.53
CA ASP D 118 -24.92 -11.12 21.00
C ASP D 118 -24.78 -12.21 19.94
N VAL D 119 -24.91 -11.84 18.68
CA VAL D 119 -24.75 -12.82 17.61
C VAL D 119 -23.77 -12.28 16.59
N TRP D 120 -22.63 -12.94 16.45
CA TRP D 120 -21.60 -12.56 15.49
C TRP D 120 -21.48 -13.59 14.38
N GLY D 121 -21.15 -13.15 13.17
CA GLY D 121 -20.87 -14.09 12.09
C GLY D 121 -19.45 -14.63 12.13
N GLN D 122 -19.13 -15.54 11.20
CA GLN D 122 -17.79 -16.09 11.13
C GLN D 122 -16.81 -15.13 10.45
N GLY D 123 -17.35 -14.06 9.87
CA GLY D 123 -16.51 -13.03 9.26
C GLY D 123 -16.20 -13.32 7.82
N THR D 124 -15.86 -12.28 7.09
CA THR D 124 -15.45 -12.43 5.69
C THR D 124 -14.14 -11.64 5.51
N LEU D 125 -13.13 -12.29 4.92
CA LEU D 125 -11.81 -11.66 4.79
C LEU D 125 -11.74 -10.80 3.54
N VAL D 126 -11.33 -9.54 3.72
CA VAL D 126 -11.14 -8.62 2.60
C VAL D 126 -9.66 -8.30 2.54
N THR D 127 -9.05 -8.54 1.38
CA THR D 127 -7.65 -8.23 1.19
C THR D 127 -7.52 -7.18 0.09
N VAL D 128 -6.87 -6.06 0.40
CA VAL D 128 -6.67 -4.99 -0.55
C VAL D 128 -5.21 -4.96 -0.97
N SER D 129 -4.96 -5.31 -2.23
CA SER D 129 -3.60 -5.43 -2.71
C SER D 129 -3.57 -5.38 -4.23
N SER D 130 -2.44 -4.97 -4.78
CA SER D 130 -2.27 -4.96 -6.23
C SER D 130 -1.78 -6.32 -6.72
N ALA D 131 -1.35 -7.17 -5.79
CA ALA D 131 -0.81 -8.47 -6.13
C ALA D 131 -1.88 -9.43 -6.64
N SER D 132 -1.48 -10.36 -7.51
CA SER D 132 -2.41 -11.28 -8.13
C SER D 132 -2.60 -12.53 -7.27
N THR D 133 -3.72 -13.20 -7.46
CA THR D 133 -3.96 -14.49 -6.80
C THR D 133 -2.97 -15.51 -7.34
N LYS D 134 -2.39 -16.30 -6.45
CA LYS D 134 -1.46 -17.36 -6.84
C LYS D 134 -1.66 -18.56 -5.93
N GLY D 135 -1.84 -19.73 -6.50
CA GLY D 135 -1.97 -20.93 -5.69
C GLY D 135 -0.62 -21.40 -5.20
N PRO D 136 -0.59 -22.21 -4.14
CA PRO D 136 0.67 -22.64 -3.53
C PRO D 136 1.32 -23.82 -4.22
N SER D 137 2.63 -23.92 -4.07
CA SER D 137 3.34 -25.15 -4.37
C SER D 137 3.37 -25.94 -3.08
N VAL D 138 3.28 -27.26 -3.16
CA VAL D 138 3.26 -28.08 -1.96
C VAL D 138 4.39 -29.11 -2.01
N PHE D 139 5.24 -29.11 -0.99
CA PHE D 139 6.39 -29.99 -0.95
C PHE D 139 6.35 -30.86 0.29
N PRO D 140 6.86 -32.09 0.18
CA PRO D 140 6.80 -32.98 1.34
C PRO D 140 7.91 -32.67 2.35
N LEU D 141 7.57 -32.81 3.63
CA LEU D 141 8.52 -32.86 4.73
C LEU D 141 8.57 -34.33 5.16
N ALA D 142 9.50 -35.08 4.58
CA ALA D 142 9.47 -36.54 4.70
C ALA D 142 9.98 -36.99 6.06
N PRO D 143 9.38 -38.06 6.61
CA PRO D 143 9.79 -38.50 7.95
C PRO D 143 11.22 -39.02 7.93
N SER D 144 11.97 -38.70 8.98
CA SER D 144 13.37 -39.08 9.08
C SER D 144 13.54 -40.59 9.24
N SER D 145 14.64 -41.11 8.70
CA SER D 145 14.94 -42.53 8.78
C SER D 145 15.31 -42.94 10.20
N LYS D 146 16.01 -42.04 10.90
CA LYS D 146 16.52 -42.26 12.26
C LYS D 146 15.60 -43.08 13.17
N GLY D 151 9.71 -43.53 19.71
CA GLY D 151 8.78 -44.28 18.88
C GLY D 151 7.84 -43.39 18.09
N THR D 152 8.17 -42.10 18.04
CA THR D 152 7.33 -41.11 17.39
C THR D 152 8.06 -40.44 16.22
N ALA D 153 7.39 -40.38 15.07
CA ALA D 153 7.95 -39.76 13.88
C ALA D 153 7.18 -38.49 13.52
N ALA D 154 7.86 -37.54 12.90
CA ALA D 154 7.19 -36.33 12.43
C ALA D 154 7.26 -36.23 10.92
N LEU D 155 6.16 -35.81 10.30
CA LEU D 155 6.17 -35.59 8.88
C LEU D 155 5.29 -34.40 8.59
N GLY D 156 5.31 -33.90 7.36
CA GLY D 156 4.48 -32.77 7.05
C GLY D 156 4.54 -32.33 5.61
N CYS D 157 3.96 -31.18 5.34
CA CYS D 157 4.06 -30.58 4.03
C CYS D 157 4.31 -29.09 4.15
N LEU D 158 5.14 -28.59 3.24
CA LEU D 158 5.47 -27.19 3.20
C LEU D 158 4.63 -26.57 2.10
N VAL D 159 3.85 -25.55 2.47
CA VAL D 159 2.90 -24.94 1.55
C VAL D 159 3.43 -23.56 1.21
N LYS D 160 4.02 -23.43 0.03
CA LYS D 160 4.86 -22.28 -0.25
C LYS D 160 4.34 -21.38 -1.38
N ASP D 161 4.54 -20.08 -1.19
CA ASP D 161 4.33 -19.09 -2.26
C ASP D 161 2.89 -18.96 -2.75
N TYR D 162 1.98 -18.55 -1.87
CA TYR D 162 0.60 -18.36 -2.29
C TYR D 162 0.11 -16.97 -1.88
N PHE D 163 -0.98 -16.53 -2.51
CA PHE D 163 -1.58 -15.24 -2.21
C PHE D 163 -2.99 -15.22 -2.80
N PRO D 164 -3.96 -14.63 -2.08
CA PRO D 164 -3.84 -14.10 -0.72
C PRO D 164 -4.09 -15.23 0.27
N GLU D 165 -4.18 -14.90 1.55
CA GLU D 165 -4.68 -15.86 2.52
C GLU D 165 -6.17 -16.10 2.25
N PRO D 166 -6.70 -17.24 2.71
CA PRO D 166 -6.04 -18.28 3.47
C PRO D 166 -5.86 -19.56 2.67
N VAL D 167 -5.06 -20.49 3.21
CA VAL D 167 -5.10 -21.87 2.76
C VAL D 167 -5.65 -22.71 3.91
N THR D 168 -6.28 -23.82 3.58
CA THR D 168 -6.66 -24.78 4.61
C THR D 168 -5.89 -26.08 4.32
N VAL D 169 -5.43 -26.73 5.37
CA VAL D 169 -4.70 -27.97 5.19
C VAL D 169 -5.38 -29.03 6.03
N SER D 170 -5.62 -30.18 5.43
CA SER D 170 -6.11 -31.34 6.16
C SER D 170 -5.21 -32.52 5.84
N TRP D 171 -5.34 -33.57 6.63
CA TRP D 171 -4.56 -34.78 6.38
C TRP D 171 -5.52 -35.93 6.14
N ASN D 172 -5.25 -36.69 5.08
CA ASN D 172 -6.07 -37.84 4.76
C ASN D 172 -7.54 -37.49 4.63
N SER D 173 -7.79 -36.38 3.96
CA SER D 173 -9.12 -35.85 3.76
C SER D 173 -9.91 -35.58 5.04
N GLY D 174 -9.19 -35.30 6.14
CA GLY D 174 -9.81 -35.05 7.43
C GLY D 174 -9.87 -36.26 8.33
N ALA D 175 -9.48 -37.41 7.81
CA ALA D 175 -9.53 -38.64 8.62
C ALA D 175 -8.40 -38.73 9.65
N LEU D 176 -7.40 -37.87 9.49
CA LEU D 176 -6.30 -37.78 10.45
C LEU D 176 -6.30 -36.38 11.05
N THR D 177 -6.50 -36.30 12.36
CA THR D 177 -6.58 -35.01 13.03
C THR D 177 -5.74 -34.94 14.30
N SER D 178 -5.54 -36.07 14.97
CA SER D 178 -4.73 -36.08 16.18
C SER D 178 -3.27 -35.78 15.86
N GLY D 179 -2.66 -34.91 16.65
CA GLY D 179 -1.24 -34.62 16.48
C GLY D 179 -0.90 -33.72 15.31
N VAL D 180 -1.92 -33.16 14.65
CA VAL D 180 -1.68 -32.21 13.56
C VAL D 180 -1.47 -30.79 14.07
N HIS D 181 -0.43 -30.12 13.57
CA HIS D 181 -0.22 -28.69 13.82
C HIS D 181 -0.03 -27.98 12.50
N THR D 182 -0.91 -27.03 12.21
CA THR D 182 -0.74 -26.21 11.03
C THR D 182 -0.36 -24.81 11.47
N PHE D 183 0.81 -24.37 11.04
CA PHE D 183 1.37 -23.10 11.50
C PHE D 183 0.73 -21.90 10.83
N PRO D 184 0.69 -20.77 11.54
CA PRO D 184 0.26 -19.51 10.94
C PRO D 184 1.16 -19.18 9.77
N ALA D 185 0.58 -18.60 8.72
CA ALA D 185 1.35 -18.23 7.55
C ALA D 185 2.26 -17.06 7.85
N VAL D 186 3.44 -17.05 7.22
CA VAL D 186 4.34 -15.92 7.31
C VAL D 186 4.46 -15.30 5.93
N LEU D 187 4.46 -13.97 5.88
CA LEU D 187 4.69 -13.26 4.63
C LEU D 187 6.18 -13.22 4.35
N GLN D 188 6.58 -13.79 3.21
CA GLN D 188 8.00 -13.83 2.84
C GLN D 188 8.37 -12.49 2.20
N SER D 189 9.66 -12.23 2.05
CA SER D 189 10.11 -10.98 1.42
C SER D 189 9.56 -10.84 0.00
N SER D 190 9.28 -11.97 -0.63
CA SER D 190 8.72 -12.01 -1.98
C SER D 190 7.29 -11.44 -2.07
N GLY D 191 6.64 -11.28 -0.93
CA GLY D 191 5.26 -10.83 -0.91
C GLY D 191 4.26 -11.98 -0.94
N LEU D 192 4.77 -13.20 -0.96
CA LEU D 192 3.91 -14.38 -0.95
C LEU D 192 3.92 -15.04 0.42
N TYR D 193 2.85 -15.75 0.74
CA TYR D 193 2.75 -16.43 2.02
C TYR D 193 3.33 -17.83 1.96
N SER D 194 3.79 -18.31 3.10
CA SER D 194 4.26 -19.69 3.24
C SER D 194 3.88 -20.23 4.61
N LEU D 195 3.59 -21.53 4.70
CA LEU D 195 3.41 -22.16 6.00
C LEU D 195 3.76 -23.64 5.91
N SER D 196 3.90 -24.29 7.05
CA SER D 196 4.01 -25.74 7.07
C SER D 196 2.89 -26.33 7.90
N SER D 197 2.48 -27.55 7.55
CA SER D 197 1.61 -28.33 8.39
C SER D 197 2.33 -29.62 8.73
N VAL D 198 2.33 -29.99 10.00
CA VAL D 198 3.04 -31.19 10.43
C VAL D 198 2.12 -32.10 11.25
N VAL D 199 2.49 -33.38 11.31
CA VAL D 199 1.77 -34.32 12.16
C VAL D 199 2.79 -35.27 12.79
N THR D 200 2.55 -35.66 14.05
CA THR D 200 3.38 -36.70 14.63
C THR D 200 2.59 -38.00 14.66
N VAL D 201 3.23 -39.08 14.23
CA VAL D 201 2.58 -40.39 14.16
C VAL D 201 3.52 -41.44 14.74
N PRO D 202 2.96 -42.61 15.14
CA PRO D 202 3.82 -43.70 15.59
C PRO D 202 4.77 -44.11 14.47
N SER D 203 6.06 -44.27 14.78
CA SER D 203 7.04 -44.63 13.75
C SER D 203 6.72 -45.97 13.11
N SER D 204 6.06 -46.85 13.85
CA SER D 204 5.69 -48.16 13.32
C SER D 204 4.60 -48.07 12.26
N SER D 205 3.90 -46.96 12.20
CA SER D 205 2.82 -46.79 11.24
C SER D 205 3.31 -46.28 9.88
N LEU D 206 4.60 -45.94 9.81
CA LEU D 206 5.14 -45.38 8.57
C LEU D 206 5.11 -46.40 7.43
N GLY D 207 5.14 -47.68 7.78
CA GLY D 207 5.10 -48.74 6.78
C GLY D 207 3.70 -49.22 6.44
N THR D 208 2.72 -48.82 7.23
CA THR D 208 1.39 -49.38 7.08
C THR D 208 0.34 -48.33 6.67
N GLN D 209 0.67 -47.06 6.90
CA GLN D 209 -0.25 -45.96 6.61
C GLN D 209 0.23 -45.10 5.44
N THR D 210 -0.72 -44.62 4.64
CA THR D 210 -0.42 -43.58 3.66
C THR D 210 -0.83 -42.24 4.29
N TYR D 211 0.03 -41.23 4.15
CA TYR D 211 -0.26 -39.91 4.68
C TYR D 211 -0.32 -38.92 3.54
N ILE D 212 -1.46 -38.26 3.39
CA ILE D 212 -1.65 -37.33 2.30
C ILE D 212 -2.07 -35.98 2.87
N CYS D 213 -1.36 -34.92 2.48
CA CYS D 213 -1.80 -33.60 2.92
C CYS D 213 -2.66 -32.99 1.82
N ASN D 214 -3.81 -32.48 2.21
CA ASN D 214 -4.75 -31.88 1.26
C ASN D 214 -4.73 -30.39 1.48
N VAL D 215 -4.28 -29.66 0.48
CA VAL D 215 -4.14 -28.20 0.58
C VAL D 215 -5.15 -27.49 -0.31
N ASN D 216 -6.06 -26.73 0.30
CA ASN D 216 -7.06 -26.04 -0.47
C ASN D 216 -6.78 -24.55 -0.42
N HIS D 217 -6.75 -23.91 -1.57
CA HIS D 217 -6.62 -22.46 -1.62
C HIS D 217 -7.86 -21.94 -2.33
N LYS D 218 -8.89 -21.65 -1.57
CA LYS D 218 -10.16 -21.17 -2.14
C LYS D 218 -10.06 -19.93 -3.03
N PRO D 219 -9.15 -18.98 -2.69
CA PRO D 219 -9.04 -17.81 -3.59
C PRO D 219 -8.64 -18.14 -5.02
N SER D 220 -7.91 -19.23 -5.22
CA SER D 220 -7.55 -19.62 -6.58
C SER D 220 -8.33 -20.86 -7.00
N ASN D 221 -9.29 -21.26 -6.18
CA ASN D 221 -10.06 -22.48 -6.37
C ASN D 221 -9.18 -23.69 -6.67
N THR D 222 -8.02 -23.74 -6.00
CA THR D 222 -7.06 -24.82 -6.22
C THR D 222 -7.03 -25.79 -5.05
N LYS D 223 -6.96 -27.08 -5.38
CA LYS D 223 -6.78 -28.12 -4.40
C LYS D 223 -5.57 -28.93 -4.81
N VAL D 224 -4.71 -29.23 -3.86
CA VAL D 224 -3.53 -30.06 -4.13
C VAL D 224 -3.47 -31.16 -3.09
N ASP D 225 -3.25 -32.39 -3.56
CA ASP D 225 -3.04 -33.51 -2.65
C ASP D 225 -1.62 -33.98 -2.79
N LYS D 226 -0.92 -34.05 -1.66
CA LYS D 226 0.47 -34.46 -1.69
C LYS D 226 0.73 -35.66 -0.79
N LYS D 227 1.18 -36.77 -1.37
CA LYS D 227 1.55 -37.93 -0.57
C LYS D 227 2.90 -37.70 0.08
N VAL D 228 2.99 -37.96 1.39
CA VAL D 228 4.25 -37.77 2.10
C VAL D 228 4.78 -39.11 2.56
N GLU D 229 5.88 -39.55 1.95
CA GLU D 229 6.44 -40.86 2.27
C GLU D 229 7.90 -40.80 2.67
N PRO D 230 8.37 -41.84 3.40
CA PRO D 230 9.80 -42.00 3.70
C PRO D 230 10.66 -42.01 2.45
#